data_6QA8
#
_entry.id   6QA8
#
_cell.length_a   128.233
_cell.length_b   128.233
_cell.length_c   116.089
_cell.angle_alpha   90.00
_cell.angle_beta   90.00
_cell.angle_gamma   90.00
#
_symmetry.space_group_name_H-M   'P 43 21 2'
#
loop_
_entity.id
_entity.type
_entity.pdbx_description
1 polymer 'Glycogen phosphorylase, muscle form'
2 non-polymer (5~{S},7~{R},8~{S},9~{S},10~{R})-7-(hydroxymethyl)-8,9,10-tris(oxidanyl)-2-phenyl-6-oxa-1,3-diazaspiro[4.5]dec-1-en-4-one
3 non-polymer "PYRIDOXAL-5'-PHOSPHATE"
4 water water
#
_entity_poly.entity_id   1
_entity_poly.type   'polypeptide(L)'
_entity_poly.pdbx_seq_one_letter_code
;MSRPLSDQEKRKQISVRGLAGVENVTELKKNFNRHLHFTLVKDRNVATPRDYYFALAHTVRDHLVGRWIRTQQHYYEKDP
KRIYYLSLEFYMGRTLQNTMVNLALENACDEATYQLGLDMEELEEIEEDAGLGNGGLGRLAACFLDSMATLGLAAYGYGI
RYEFGIFNQKICGGWQMEEADDWLRYGNPWEKARPEFTLPVHFYGRVEHTSQGAKWVDTQVVLAMPYDTPVPGYRNNVVN
TMRLWSAKAPNDFNLKDFNVGGYIQAVLDRNLAENISRVLYPNDNFFEGKELRLKQEYFVVAATLQDIIRRFKSSKFGCR
DPVRTNFDAFPDKVAIQLNDTHPSLAIPELMRVLVDLERLDWDKAWEVTVKTCAYTNHTVLPEALERWPVHLLETLLPRH
LQIIYEINQRFLNRVAAAFPGDVDRLRRMSLVEEGAVKRINMAHLCIAGSHAVNGVARIHSEILKKTIFKDFYELEPHKF
QNKTNGITPRRWLVLCNPGLAEIIAERIGEEYISDLDQLRKLLSYVDDEAFIRDVAKVKQENKLKFAAYLEREYKVHINP
NSLFDVQVKRIHEYKRQLLNCLHVITLYNRIKKEPNKFVVPRTVMIGGKAAPGYHMAKMIIKLITAIGDVVNHDPVVGDR
LRVIFLENYRVSLAEKVIPAADLSEQISTAGTEASGTGNMKFMLNGALTIGTMDGANVEMAEEAGEENFFIFGMRVEDVD
RLDQRGYNAQEYYDRIPELRQIIEQLSSGFFSPKQPDLFKDIVNMLMHHDRFKVFADYEEYVKCQERVSALYKNPREWTR
MVIRNIATSGKFSSDRTIAQYAREIWGVEPSRQRLPAPDEKIP
;
_entity_poly.pdbx_strand_id   A
#
loop_
_chem_comp.id
_chem_comp.type
_chem_comp.name
_chem_comp.formula
HTE non-polymer (5~{S},7~{R},8~{S},9~{S},10~{R})-7-(hydroxymethyl)-8,9,10-tris(oxidanyl)-2-phenyl-6-oxa-1,3-diazaspiro[4.5]dec-1-en-4-one 'C14 H16 N2 O6'
PLP non-polymer PYRIDOXAL-5'-PHOSPHATE 'C8 H10 N O6 P'
#
# COMPACT_ATOMS: atom_id res chain seq x y z
N GLN A 13 -30.77 4.87 5.87
CA GLN A 13 -31.01 5.38 4.48
C GLN A 13 -30.92 4.22 3.46
N ILE A 14 -29.73 3.61 3.34
CA ILE A 14 -29.48 2.43 2.46
C ILE A 14 -29.13 1.20 3.33
N SER A 15 -29.54 0.01 2.86
CA SER A 15 -29.66 -1.18 3.72
C SER A 15 -28.29 -1.74 4.16
N VAL A 16 -27.27 -1.69 3.28
CA VAL A 16 -25.93 -2.26 3.55
C VAL A 16 -25.20 -1.48 4.66
N ARG A 17 -25.74 -0.32 5.05
CA ARG A 17 -25.19 0.49 6.16
C ARG A 17 -25.76 0.05 7.51
N GLY A 18 -26.70 -0.91 7.53
CA GLY A 18 -27.22 -1.53 8.77
C GLY A 18 -28.56 -0.95 9.22
N LEU A 19 -29.00 -1.35 10.42
CA LEU A 19 -30.26 -0.89 11.00
C LEU A 19 -30.03 0.34 11.90
N ALA A 20 -31.02 1.22 11.94
CA ALA A 20 -31.14 2.26 12.95
C ALA A 20 -32.29 1.91 13.90
N GLY A 21 -31.99 1.11 14.94
CA GLY A 21 -32.94 0.74 16.00
C GLY A 21 -33.23 1.90 16.95
N VAL A 22 -34.44 1.91 17.52
CA VAL A 22 -34.89 3.01 18.36
C VAL A 22 -33.95 3.11 19.58
N GLU A 23 -33.67 1.97 20.24
CA GLU A 23 -32.78 1.94 21.42
C GLU A 23 -31.38 2.40 21.01
N ASN A 24 -30.81 1.71 20.01
CA ASN A 24 -29.49 2.00 19.48
C ASN A 24 -29.27 3.50 19.30
N VAL A 25 -30.19 4.18 18.62
CA VAL A 25 -30.01 5.58 18.27
C VAL A 25 -30.01 6.43 19.56
N THR A 26 -30.97 6.14 20.45
CA THR A 26 -31.10 6.83 21.74
C THR A 26 -29.81 6.67 22.56
N GLU A 27 -29.27 5.45 22.54
CA GLU A 27 -28.05 5.10 23.25
C GLU A 27 -26.85 5.90 22.71
N LEU A 28 -26.68 5.89 21.39
CA LEU A 28 -25.59 6.56 20.75
C LEU A 28 -25.62 8.06 21.10
N LYS A 29 -26.82 8.67 21.08
CA LYS A 29 -27.00 10.09 21.39
C LYS A 29 -26.62 10.40 22.83
N LYS A 30 -26.98 9.49 23.73
CA LYS A 30 -26.69 9.64 25.13
C LYS A 30 -25.16 9.62 25.35
N ASN A 31 -24.50 8.63 24.74
CA ASN A 31 -23.05 8.44 24.88
C ASN A 31 -22.30 9.62 24.27
N PHE A 32 -22.82 10.12 23.14
CA PHE A 32 -22.23 11.25 22.42
C PHE A 32 -22.20 12.49 23.33
N ASN A 33 -23.34 12.80 23.95
CA ASN A 33 -23.44 13.92 24.85
C ASN A 33 -22.58 13.68 26.10
N ARG A 34 -22.49 12.43 26.55
CA ARG A 34 -21.66 12.11 27.70
C ARG A 34 -20.19 12.43 27.38
N HIS A 35 -19.68 11.94 26.25
CA HIS A 35 -18.30 12.21 25.87
C HIS A 35 -18.06 13.72 25.62
N LEU A 36 -19.06 14.43 25.09
CA LEU A 36 -18.89 15.87 24.83
C LEU A 36 -18.66 16.61 26.16
N HIS A 37 -19.55 16.34 27.14
CA HIS A 37 -19.49 16.91 28.48
C HIS A 37 -18.18 16.48 29.17
N PHE A 38 -17.95 15.16 29.31
CA PHE A 38 -16.94 14.63 30.27
C PHE A 38 -15.58 14.39 29.64
N THR A 39 -15.53 13.91 28.39
CA THR A 39 -14.25 13.66 27.71
C THR A 39 -13.68 14.94 27.09
N LEU A 40 -14.54 15.74 26.46
CA LEU A 40 -14.10 16.91 25.72
C LEU A 40 -14.14 18.15 26.61
N VAL A 41 -14.98 18.14 27.64
CA VAL A 41 -15.12 19.25 28.58
C VAL A 41 -15.56 20.47 27.78
N LYS A 42 -16.72 20.33 27.14
CA LYS A 42 -17.35 21.34 26.33
C LYS A 42 -18.86 21.24 26.56
N ASP A 43 -19.56 22.37 26.38
CA ASP A 43 -21.00 22.40 26.22
C ASP A 43 -21.25 22.64 24.72
N ARG A 44 -22.52 22.62 24.32
CA ARG A 44 -22.89 22.69 22.90
C ARG A 44 -22.72 24.11 22.34
N ASN A 45 -22.52 25.12 23.20
CA ASN A 45 -22.37 26.51 22.76
C ASN A 45 -20.93 26.79 22.28
N VAL A 46 -19.98 25.93 22.65
CA VAL A 46 -18.56 26.19 22.39
C VAL A 46 -17.93 25.04 21.61
N ALA A 47 -18.71 24.05 21.21
CA ALA A 47 -18.18 22.89 20.52
C ALA A 47 -17.86 23.25 19.06
N THR A 48 -16.61 22.99 18.66
CA THR A 48 -16.15 23.11 17.28
C THR A 48 -16.57 21.83 16.56
N PRO A 49 -16.75 21.81 15.23
CA PRO A 49 -17.04 20.56 14.52
C PRO A 49 -16.06 19.43 14.87
N ARG A 50 -14.83 19.79 15.28
CA ARG A 50 -13.81 18.84 15.64
C ARG A 50 -14.18 18.13 16.95
N ASP A 51 -14.66 18.90 17.92
CA ASP A 51 -15.18 18.34 19.15
C ASP A 51 -16.23 17.27 18.84
N TYR A 52 -17.14 17.57 17.89
CA TYR A 52 -18.22 16.67 17.55
C TYR A 52 -17.67 15.39 16.93
N TYR A 53 -16.67 15.53 16.06
CA TYR A 53 -16.02 14.37 15.49
C TYR A 53 -15.44 13.51 16.61
N PHE A 54 -14.77 14.15 17.57
CA PHE A 54 -14.10 13.43 18.66
C PHE A 54 -15.13 12.72 19.56
N ALA A 55 -16.28 13.36 19.77
CA ALA A 55 -17.31 12.78 20.62
C ALA A 55 -17.83 11.51 19.95
N LEU A 56 -18.09 11.60 18.64
CA LEU A 56 -18.55 10.47 17.86
C LEU A 56 -17.48 9.36 17.88
N ALA A 57 -16.21 9.73 17.69
CA ALA A 57 -15.12 8.77 17.64
C ALA A 57 -15.07 7.95 18.94
N HIS A 58 -15.09 8.63 20.09
CA HIS A 58 -15.14 7.96 21.42
C HIS A 58 -16.38 7.07 21.56
N THR A 59 -17.53 7.52 21.06
CA THR A 59 -18.79 6.78 21.17
C THR A 59 -18.69 5.45 20.40
N VAL A 60 -18.20 5.51 19.17
CA VAL A 60 -18.02 4.36 18.33
C VAL A 60 -16.94 3.45 18.95
N ARG A 61 -15.86 4.08 19.44
CA ARG A 61 -14.76 3.35 20.03
C ARG A 61 -15.24 2.57 21.25
N ASP A 62 -16.26 3.09 21.95
CA ASP A 62 -16.83 2.42 23.09
C ASP A 62 -17.44 1.06 22.69
N HIS A 63 -18.01 0.94 21.48
CA HIS A 63 -18.61 -0.31 21.00
C HIS A 63 -17.55 -1.35 20.58
N LEU A 64 -16.29 -0.92 20.42
CA LEU A 64 -15.19 -1.84 20.08
C LEU A 64 -14.70 -2.61 21.32
N VAL A 65 -14.84 -2.02 22.50
CA VAL A 65 -13.96 -2.31 23.65
C VAL A 65 -14.23 -3.73 24.18
N GLY A 66 -15.49 -4.06 24.42
CA GLY A 66 -15.85 -5.36 24.94
C GLY A 66 -15.41 -6.45 23.99
N ARG A 67 -15.60 -6.20 22.69
CA ARG A 67 -15.22 -7.15 21.62
C ARG A 67 -13.70 -7.35 21.60
N TRP A 68 -12.94 -6.25 21.76
CA TRP A 68 -11.48 -6.27 21.79
C TRP A 68 -10.99 -7.13 22.96
N ILE A 69 -11.52 -6.84 24.15
CA ILE A 69 -11.11 -7.49 25.39
C ILE A 69 -11.43 -8.99 25.31
N ARG A 70 -12.63 -9.33 24.82
CA ARG A 70 -13.09 -10.73 24.71
C ARG A 70 -12.30 -11.48 23.63
N THR A 71 -12.01 -10.83 22.49
CA THR A 71 -11.23 -11.47 21.43
C THR A 71 -9.85 -11.88 21.95
N GLN A 72 -9.19 -10.95 22.65
CA GLN A 72 -7.83 -11.21 23.15
C GLN A 72 -7.91 -12.28 24.24
N GLN A 73 -8.98 -12.26 25.05
CA GLN A 73 -9.23 -13.29 26.07
C GLN A 73 -9.43 -14.66 25.43
N HIS A 74 -10.18 -14.70 24.33
CA HIS A 74 -10.49 -15.93 23.59
C HIS A 74 -9.20 -16.58 23.10
N TYR A 75 -8.28 -15.75 22.59
CA TYR A 75 -7.01 -16.23 22.06
C TYR A 75 -6.16 -16.81 23.19
N TYR A 76 -6.29 -16.27 24.41
CA TYR A 76 -5.60 -16.82 25.58
C TYR A 76 -6.14 -18.22 25.93
N GLU A 77 -7.47 -18.34 25.96
CA GLU A 77 -8.13 -19.61 26.28
C GLU A 77 -7.82 -20.66 25.21
N LYS A 78 -8.07 -20.32 23.95
CA LYS A 78 -7.95 -21.28 22.86
C LYS A 78 -6.48 -21.52 22.50
N ASP A 79 -5.60 -20.54 22.77
CA ASP A 79 -4.18 -20.60 22.42
C ASP A 79 -3.96 -21.06 20.98
N PRO A 80 -4.60 -20.43 19.96
CA PRO A 80 -4.37 -20.81 18.57
C PRO A 80 -2.96 -20.38 18.16
N LYS A 81 -2.52 -20.86 17.00
CA LYS A 81 -1.30 -20.37 16.40
C LYS A 81 -1.52 -18.89 16.06
N ARG A 82 -0.49 -18.08 16.31
CA ARG A 82 -0.60 -16.61 16.17
C ARG A 82 0.25 -16.14 14.97
N ILE A 83 -0.32 -15.24 14.16
CA ILE A 83 0.31 -14.67 12.97
C ILE A 83 0.82 -13.26 13.32
N TYR A 84 2.09 -13.00 13.02
CA TYR A 84 2.70 -11.71 13.26
C TYR A 84 3.11 -11.11 11.91
N TYR A 85 2.34 -10.11 11.47
CA TYR A 85 2.63 -9.40 10.26
C TYR A 85 3.57 -8.24 10.60
N LEU A 86 4.83 -8.39 10.24
CA LEU A 86 5.89 -7.44 10.55
C LEU A 86 6.09 -6.51 9.35
N SER A 87 5.84 -5.21 9.54
CA SER A 87 5.92 -4.23 8.47
C SER A 87 6.41 -2.89 9.04
N LEU A 88 7.15 -2.11 8.23
CA LEU A 88 7.54 -0.76 8.59
C LEU A 88 6.41 0.19 8.21
N GLU A 89 5.45 -0.29 7.42
CA GLU A 89 4.39 0.56 6.88
C GLU A 89 3.03 -0.09 7.14
N PHE A 90 2.12 0.73 7.66
CA PHE A 90 0.69 0.46 7.69
C PHE A 90 -0.03 1.72 7.23
N TYR A 91 -0.54 1.71 5.99
CA TYR A 91 -1.26 2.85 5.44
C TYR A 91 -2.77 2.66 5.73
N MET A 92 -3.18 3.12 6.91
CA MET A 92 -4.49 2.80 7.50
C MET A 92 -5.61 3.71 6.97
N GLY A 93 -5.30 4.99 6.72
CA GLY A 93 -6.31 5.99 6.39
C GLY A 93 -7.15 6.36 7.60
N ARG A 94 -8.42 6.69 7.38
CA ARG A 94 -9.29 7.05 8.48
C ARG A 94 -9.89 5.76 9.06
N THR A 95 -10.19 5.81 10.36
CA THR A 95 -10.65 4.65 11.14
C THR A 95 -12.16 4.73 11.43
N LEU A 96 -12.76 5.92 11.44
CA LEU A 96 -14.12 6.12 12.01
C LEU A 96 -15.18 5.37 11.19
N GLN A 97 -15.21 5.65 9.88
CA GLN A 97 -16.23 5.09 8.99
C GLN A 97 -16.03 3.57 8.91
N ASN A 98 -14.76 3.16 8.83
CA ASN A 98 -14.44 1.75 8.69
C ASN A 98 -14.92 0.97 9.91
N THR A 99 -14.74 1.55 11.10
CA THR A 99 -15.16 0.94 12.34
C THR A 99 -16.71 0.79 12.34
N MET A 100 -17.42 1.82 11.87
CA MET A 100 -18.90 1.83 11.87
C MET A 100 -19.42 0.74 10.92
N VAL A 101 -18.82 0.66 9.74
CA VAL A 101 -19.21 -0.33 8.74
C VAL A 101 -19.08 -1.72 9.35
N ASN A 102 -17.90 -2.03 9.88
CA ASN A 102 -17.58 -3.38 10.34
C ASN A 102 -18.40 -3.76 11.57
N LEU A 103 -18.86 -2.78 12.35
CA LEU A 103 -19.74 -3.04 13.52
C LEU A 103 -21.23 -2.88 13.15
N ALA A 104 -21.53 -2.51 11.90
CA ALA A 104 -22.91 -2.37 11.40
C ALA A 104 -23.63 -1.17 12.04
N LEU A 105 -22.87 -0.14 12.44
CA LEU A 105 -23.36 1.00 13.26
C LEU A 105 -23.61 2.24 12.39
N GLU A 106 -23.35 2.15 11.09
CA GLU A 106 -23.25 3.35 10.24
C GLU A 106 -24.59 4.09 10.16
N ASN A 107 -25.69 3.37 9.92
CA ASN A 107 -27.02 3.98 9.79
C ASN A 107 -27.46 4.53 11.16
N ALA A 108 -27.19 3.77 12.23
CA ALA A 108 -27.55 4.19 13.59
C ALA A 108 -26.83 5.50 13.96
N CYS A 109 -25.55 5.61 13.59
CA CYS A 109 -24.77 6.79 13.92
C CYS A 109 -25.21 7.97 13.06
N ASP A 110 -25.50 7.70 11.77
CA ASP A 110 -26.01 8.73 10.85
C ASP A 110 -27.30 9.34 11.43
N GLU A 111 -28.19 8.48 11.93
CA GLU A 111 -29.50 8.88 12.47
C GLU A 111 -29.29 9.65 13.78
N ALA A 112 -28.47 9.09 14.68
CA ALA A 112 -28.20 9.66 15.98
C ALA A 112 -27.57 11.06 15.82
N THR A 113 -26.65 11.19 14.86
CA THR A 113 -25.96 12.48 14.64
C THR A 113 -26.94 13.48 14.01
N TYR A 114 -27.66 13.04 12.98
CA TYR A 114 -28.73 13.81 12.35
C TYR A 114 -29.66 14.43 13.42
N GLN A 115 -30.09 13.62 14.40
CA GLN A 115 -31.07 14.06 15.41
C GLN A 115 -30.46 15.08 16.39
N LEU A 116 -29.14 15.05 16.56
CA LEU A 116 -28.39 16.06 17.32
C LEU A 116 -28.10 17.27 16.45
N GLY A 117 -28.57 17.25 15.20
CA GLY A 117 -28.45 18.36 14.28
C GLY A 117 -27.09 18.41 13.62
N LEU A 118 -26.43 17.26 13.47
CA LEU A 118 -25.10 17.20 12.88
C LEU A 118 -25.15 16.33 11.62
N ASP A 119 -24.30 16.68 10.65
CA ASP A 119 -24.09 15.89 9.47
C ASP A 119 -22.82 15.04 9.68
N MET A 120 -23.01 13.73 9.78
CA MET A 120 -21.93 12.79 10.04
C MET A 120 -20.85 12.88 8.95
N GLU A 121 -21.24 13.11 7.70
CA GLU A 121 -20.27 13.12 6.58
C GLU A 121 -19.23 14.23 6.78
N GLU A 122 -19.70 15.38 7.28
CA GLU A 122 -18.86 16.53 7.58
C GLU A 122 -17.88 16.19 8.71
N LEU A 123 -18.35 15.45 9.72
CA LEU A 123 -17.54 15.05 10.89
C LEU A 123 -16.43 14.07 10.46
N GLU A 124 -16.75 13.18 9.50
CA GLU A 124 -15.80 12.18 8.97
C GLU A 124 -14.60 12.87 8.31
N GLU A 125 -14.85 14.01 7.66
CA GLU A 125 -13.83 14.76 6.92
C GLU A 125 -12.81 15.42 7.86
N ILE A 126 -13.12 15.48 9.16
CA ILE A 126 -12.23 16.11 10.14
C ILE A 126 -11.12 15.15 10.52
N GLU A 127 -11.39 13.85 10.47
CA GLU A 127 -10.42 12.81 10.82
C GLU A 127 -9.22 12.84 9.86
N GLU A 128 -8.01 12.86 10.43
CA GLU A 128 -6.75 12.75 9.68
C GLU A 128 -6.54 11.29 9.25
N ASP A 129 -6.04 11.11 8.03
CA ASP A 129 -5.44 9.84 7.62
C ASP A 129 -4.29 9.46 8.57
N ALA A 130 -4.29 8.22 9.03
CA ALA A 130 -3.08 7.62 9.53
C ALA A 130 -2.20 7.24 8.33
N GLY A 131 -1.36 8.16 7.90
CA GLY A 131 -0.55 8.00 6.70
C GLY A 131 0.81 7.41 7.01
N LEU A 132 0.80 6.25 7.68
CA LEU A 132 2.04 5.61 8.13
C LEU A 132 2.54 4.64 7.06
N GLY A 133 2.50 5.08 5.80
CA GLY A 133 3.00 4.29 4.67
C GLY A 133 3.13 5.14 3.43
N ASN A 134 3.87 4.65 2.44
CA ASN A 134 4.18 5.40 1.20
C ASN A 134 3.07 5.18 0.16
N GLY A 135 2.76 3.92 -0.11
CA GLY A 135 1.73 3.57 -1.09
C GLY A 135 1.31 2.11 -0.98
N GLY A 136 1.57 1.36 -2.08
CA GLY A 136 1.01 0.02 -2.29
C GLY A 136 1.34 -0.94 -1.15
N LEU A 137 2.61 -0.96 -0.73
CA LEU A 137 3.11 -1.89 0.28
C LEU A 137 2.41 -1.61 1.61
N GLY A 138 2.39 -0.33 2.01
CA GLY A 138 1.75 0.07 3.26
C GLY A 138 0.27 -0.24 3.28
N ARG A 139 -0.41 0.03 2.16
CA ARG A 139 -1.87 -0.15 2.04
C ARG A 139 -2.18 -1.65 2.07
N LEU A 140 -1.30 -2.45 1.47
CA LEU A 140 -1.48 -3.91 1.44
C LEU A 140 -1.50 -4.46 2.86
N ALA A 141 -0.61 -3.91 3.70
CA ALA A 141 -0.56 -4.30 5.09
C ALA A 141 -1.92 -4.00 5.75
N ALA A 142 -2.48 -2.82 5.46
CA ALA A 142 -3.76 -2.38 6.07
C ALA A 142 -4.94 -3.24 5.59
N CYS A 143 -4.94 -3.60 4.30
CA CYS A 143 -5.99 -4.45 3.73
C CYS A 143 -5.89 -5.86 4.34
N PHE A 144 -4.68 -6.38 4.46
CA PHE A 144 -4.41 -7.67 5.12
C PHE A 144 -4.95 -7.70 6.55
N LEU A 145 -4.76 -6.63 7.33
CA LEU A 145 -5.19 -6.62 8.75
C LEU A 145 -6.71 -6.81 8.82
N ASP A 146 -7.44 -6.05 7.98
CA ASP A 146 -8.88 -6.11 7.87
C ASP A 146 -9.35 -7.53 7.49
N SER A 147 -8.66 -8.18 6.53
CA SER A 147 -9.01 -9.53 6.09
C SER A 147 -8.69 -10.58 7.17
N MET A 148 -7.59 -10.39 7.90
CA MET A 148 -7.19 -11.33 8.93
C MET A 148 -8.22 -11.33 10.07
N ALA A 149 -8.74 -10.16 10.41
CA ALA A 149 -9.77 -9.99 11.43
C ALA A 149 -11.10 -10.60 10.95
N THR A 150 -11.44 -10.32 9.69
CA THR A 150 -12.65 -10.83 9.06
C THR A 150 -12.59 -12.37 8.98
N LEU A 151 -11.41 -12.97 8.83
CA LEU A 151 -11.28 -14.43 8.71
C LEU A 151 -10.92 -15.06 10.06
N GLY A 152 -11.06 -14.31 11.14
CA GLY A 152 -10.97 -14.84 12.49
C GLY A 152 -9.62 -15.45 12.81
N LEU A 153 -8.55 -14.88 12.24
CA LEU A 153 -7.18 -15.29 12.53
C LEU A 153 -6.65 -14.51 13.73
N ALA A 154 -5.85 -15.20 14.54
CA ALA A 154 -5.24 -14.61 15.71
C ALA A 154 -3.98 -13.87 15.25
N ALA A 155 -4.21 -12.72 14.60
CA ALA A 155 -3.18 -12.01 13.84
C ALA A 155 -2.91 -10.68 14.52
N TYR A 156 -1.65 -10.26 14.47
CA TYR A 156 -1.17 -9.03 15.06
C TYR A 156 -0.33 -8.29 14.02
N GLY A 157 -0.68 -7.02 13.76
CA GLY A 157 0.18 -6.15 13.00
C GLY A 157 1.17 -5.46 13.91
N TYR A 158 2.45 -5.52 13.58
CA TYR A 158 3.52 -4.93 14.36
C TYR A 158 4.33 -3.96 13.47
N GLY A 159 4.44 -2.72 13.92
CA GLY A 159 5.15 -1.71 13.20
C GLY A 159 5.65 -0.61 14.10
N ILE A 160 5.83 0.57 13.53
CA ILE A 160 6.33 1.73 14.23
C ILE A 160 5.24 2.79 14.21
N ARG A 161 5.04 3.43 15.37
CA ARG A 161 4.17 4.56 15.48
C ARG A 161 4.99 5.82 15.15
N TYR A 162 5.02 6.20 13.88
CA TYR A 162 5.74 7.41 13.47
C TYR A 162 4.97 8.65 13.92
N GLU A 163 5.68 9.64 14.46
CA GLU A 163 5.08 10.91 14.84
C GLU A 163 4.61 11.67 13.59
N PHE A 164 5.33 11.48 12.48
CA PHE A 164 5.04 12.07 11.19
C PHE A 164 4.99 10.97 10.12
N GLY A 165 3.86 10.88 9.42
CA GLY A 165 3.70 9.93 8.35
C GLY A 165 4.17 10.55 7.04
N ILE A 166 3.65 10.02 5.93
CA ILE A 166 4.00 10.55 4.63
C ILE A 166 3.63 12.03 4.62
N PHE A 167 4.54 12.86 4.12
CA PHE A 167 4.38 14.30 4.06
C PHE A 167 3.10 14.67 3.30
N ASN A 168 2.48 15.77 3.72
CA ASN A 168 1.45 16.41 2.96
C ASN A 168 2.10 17.13 1.78
N GLN A 169 1.49 17.00 0.59
CA GLN A 169 1.95 17.57 -0.67
C GLN A 169 1.14 18.83 -1.01
N LYS A 170 1.85 19.95 -1.23
CA LYS A 170 1.29 21.14 -1.84
C LYS A 170 2.00 21.38 -3.17
N ILE A 171 1.24 21.83 -4.16
CA ILE A 171 1.79 22.31 -5.40
C ILE A 171 1.89 23.83 -5.29
N CYS A 172 3.10 24.35 -5.50
CA CYS A 172 3.36 25.79 -5.60
C CYS A 172 4.03 26.08 -6.95
N GLY A 173 3.36 26.88 -7.78
CA GLY A 173 3.84 27.20 -9.11
C GLY A 173 4.13 25.94 -9.91
N GLY A 174 3.28 24.92 -9.70
CA GLY A 174 3.41 23.65 -10.39
C GLY A 174 4.37 22.67 -9.73
N TRP A 175 5.11 23.10 -8.70
CA TRP A 175 6.10 22.24 -8.05
C TRP A 175 5.53 21.62 -6.77
N GLN A 176 5.97 20.39 -6.46
CA GLN A 176 5.70 19.73 -5.19
C GLN A 176 6.49 20.42 -4.07
N MET A 177 5.77 20.81 -3.02
CA MET A 177 6.32 21.14 -1.72
C MET A 177 5.84 20.10 -0.72
N GLU A 178 6.73 19.74 0.21
CA GLU A 178 6.44 18.78 1.26
C GLU A 178 6.18 19.54 2.56
N GLU A 179 5.15 19.10 3.30
CA GLU A 179 4.86 19.57 4.60
C GLU A 179 4.75 18.38 5.55
N ALA A 180 5.29 18.57 6.76
CA ALA A 180 5.24 17.57 7.82
C ALA A 180 3.78 17.20 8.06
N ASP A 181 3.49 15.90 8.02
CA ASP A 181 2.20 15.35 8.33
C ASP A 181 2.11 15.14 9.84
N ASP A 182 1.73 16.20 10.57
CA ASP A 182 1.59 16.22 12.03
C ASP A 182 0.23 15.64 12.43
N TRP A 183 0.07 14.33 12.26
CA TRP A 183 -1.23 13.65 12.31
C TRP A 183 -1.72 13.45 13.76
N LEU A 184 -0.82 13.56 14.74
CA LEU A 184 -1.16 13.34 16.14
C LEU A 184 -1.47 14.65 16.88
N ARG A 185 -1.41 15.79 16.18
CA ARG A 185 -1.57 17.17 16.75
C ARG A 185 -2.72 17.22 17.77
N TYR A 186 -3.89 16.72 17.36
CA TYR A 186 -5.16 16.84 18.07
C TYR A 186 -5.48 15.56 18.85
N GLY A 187 -4.52 14.64 18.96
CA GLY A 187 -4.72 13.35 19.59
C GLY A 187 -5.27 12.31 18.62
N ASN A 188 -5.05 11.03 18.96
CA ASN A 188 -5.53 9.87 18.22
C ASN A 188 -6.44 9.07 19.15
N PRO A 189 -7.78 9.10 18.97
CA PRO A 189 -8.69 8.39 19.88
C PRO A 189 -8.71 6.87 19.63
N TRP A 190 -8.13 6.44 18.52
CA TRP A 190 -8.17 5.03 18.13
C TRP A 190 -7.12 4.23 18.91
N GLU A 191 -6.03 4.87 19.33
CA GLU A 191 -4.94 4.14 19.93
C GLU A 191 -5.09 4.12 21.45
N LYS A 192 -4.52 3.09 22.07
CA LYS A 192 -4.35 2.94 23.53
C LYS A 192 -2.87 2.67 23.86
N ALA A 193 -2.25 3.63 24.55
CA ALA A 193 -0.87 3.48 24.99
C ALA A 193 -0.82 2.33 26.00
N ARG A 194 0.24 1.54 25.95
CA ARG A 194 0.44 0.48 26.91
C ARG A 194 1.82 0.62 27.54
N PRO A 195 2.10 1.69 28.34
CA PRO A 195 3.45 1.94 28.87
C PRO A 195 4.01 0.79 29.73
N GLU A 196 3.11 0.04 30.36
CA GLU A 196 3.44 -1.13 31.14
C GLU A 196 4.00 -2.28 30.29
N PHE A 197 3.93 -2.20 28.96
CA PHE A 197 4.51 -3.26 28.10
C PHE A 197 5.78 -2.74 27.40
N THR A 198 6.41 -1.71 27.97
CA THR A 198 7.60 -1.09 27.42
C THR A 198 8.80 -2.05 27.49
N LEU A 199 9.61 -2.07 26.43
CA LEU A 199 10.69 -3.07 26.27
C LEU A 199 11.97 -2.37 25.84
N PRO A 200 13.15 -2.82 26.34
CA PRO A 200 14.43 -2.25 25.91
C PRO A 200 14.87 -2.81 24.56
N VAL A 201 15.50 -1.95 23.76
CA VAL A 201 16.15 -2.32 22.55
C VAL A 201 17.58 -1.83 22.66
N HIS A 202 18.53 -2.65 22.19
CA HIS A 202 19.96 -2.37 22.35
C HIS A 202 20.59 -2.02 21.01
N PHE A 203 21.56 -1.10 21.05
CA PHE A 203 22.34 -0.67 19.89
C PHE A 203 23.81 -0.51 20.27
N TYR A 204 24.67 -0.61 19.25
CA TYR A 204 26.11 -0.43 19.36
C TYR A 204 26.66 -1.57 20.23
N GLY A 205 27.46 -1.23 21.25
CA GLY A 205 28.18 -2.20 22.04
C GLY A 205 29.20 -2.98 21.23
N ARG A 206 29.58 -4.14 21.76
CA ARG A 206 30.56 -5.02 21.18
C ARG A 206 30.29 -6.42 21.73
N VAL A 207 30.91 -7.43 21.12
CA VAL A 207 30.70 -8.83 21.48
C VAL A 207 31.90 -9.34 22.28
N GLU A 208 31.60 -9.93 23.44
CA GLU A 208 32.51 -10.76 24.19
C GLU A 208 32.14 -12.24 24.00
N HIS A 209 33.15 -13.07 23.72
CA HIS A 209 33.02 -14.52 23.72
C HIS A 209 33.54 -15.04 25.08
N THR A 210 32.66 -15.67 25.86
CA THR A 210 33.00 -16.28 27.16
C THR A 210 32.96 -17.81 27.02
N SER A 211 33.00 -18.50 28.16
CA SER A 211 32.83 -19.95 28.27
C SER A 211 31.37 -20.34 27.95
N GLN A 212 30.44 -19.61 28.57
CA GLN A 212 28.99 -19.80 28.36
C GLN A 212 28.62 -19.56 26.89
N GLY A 213 29.25 -18.56 26.25
CA GLY A 213 29.03 -18.22 24.82
C GLY A 213 29.28 -16.75 24.54
N ALA A 214 28.75 -16.25 23.42
CA ALA A 214 28.85 -14.84 23.04
C ALA A 214 27.89 -13.98 23.91
N LYS A 215 28.34 -12.77 24.24
CA LYS A 215 27.62 -11.81 25.08
C LYS A 215 27.69 -10.42 24.42
N TRP A 216 26.53 -9.79 24.23
CA TRP A 216 26.43 -8.43 23.65
C TRP A 216 26.40 -7.42 24.80
N VAL A 217 27.47 -6.61 24.91
CA VAL A 217 27.72 -5.77 26.08
C VAL A 217 27.98 -4.31 25.65
N ASP A 218 27.96 -3.40 26.64
CA ASP A 218 28.19 -1.96 26.47
C ASP A 218 27.27 -1.40 25.39
N THR A 219 25.99 -1.82 25.39
CA THR A 219 25.05 -1.32 24.39
C THR A 219 24.41 -0.02 24.89
N GLN A 220 23.87 0.77 23.94
CA GLN A 220 22.97 1.83 24.26
C GLN A 220 21.55 1.26 24.26
N VAL A 221 20.74 1.73 25.21
CA VAL A 221 19.37 1.28 25.37
C VAL A 221 18.44 2.37 24.87
N VAL A 222 17.52 1.98 23.99
CA VAL A 222 16.33 2.75 23.69
C VAL A 222 15.13 1.91 24.11
N LEU A 223 14.11 2.57 24.67
CA LEU A 223 12.90 1.86 25.06
C LEU A 223 11.87 1.93 23.93
N ALA A 224 11.07 0.88 23.84
CA ALA A 224 9.99 0.74 22.87
C ALA A 224 8.68 0.64 23.64
N MET A 225 7.84 1.66 23.51
CA MET A 225 6.56 1.72 24.19
C MET A 225 5.48 1.40 23.16
N PRO A 226 4.63 0.38 23.39
CA PRO A 226 3.61 0.01 22.42
C PRO A 226 2.33 0.86 22.53
N TYR A 227 1.75 1.18 21.36
CA TYR A 227 0.38 1.69 21.25
C TYR A 227 -0.46 0.67 20.46
N ASP A 228 -1.57 0.24 21.05
CA ASP A 228 -2.45 -0.74 20.42
C ASP A 228 -3.64 -0.01 19.78
N THR A 229 -3.91 -0.36 18.52
CA THR A 229 -5.06 0.12 17.79
C THR A 229 -5.94 -1.09 17.46
N PRO A 230 -7.27 -1.03 17.69
CA PRO A 230 -8.16 -2.15 17.38
C PRO A 230 -8.36 -2.31 15.87
N VAL A 231 -8.47 -3.56 15.43
CA VAL A 231 -8.74 -3.90 14.06
C VAL A 231 -10.00 -4.76 14.00
N PRO A 232 -11.17 -4.16 13.73
CA PRO A 232 -12.42 -4.91 13.72
C PRO A 232 -12.57 -5.75 12.44
N GLY A 233 -12.93 -7.03 12.60
CA GLY A 233 -13.41 -7.83 11.51
C GLY A 233 -14.83 -7.43 11.09
N TYR A 234 -15.22 -7.80 9.86
CA TYR A 234 -16.53 -7.47 9.30
C TYR A 234 -17.64 -8.29 9.98
N ARG A 235 -18.40 -7.61 10.84
CA ARG A 235 -19.58 -8.12 11.55
C ARG A 235 -19.36 -9.54 12.09
N ASN A 236 -18.14 -9.88 12.53
CA ASN A 236 -17.93 -11.19 13.20
C ASN A 236 -17.60 -11.00 14.69
N ASN A 237 -17.64 -9.76 15.17
CA ASN A 237 -17.29 -9.39 16.57
C ASN A 237 -15.85 -9.79 16.93
N VAL A 238 -14.99 -9.95 15.93
CA VAL A 238 -13.57 -10.16 16.18
C VAL A 238 -12.90 -8.78 16.12
N VAL A 239 -12.02 -8.50 17.08
CA VAL A 239 -11.20 -7.29 17.07
C VAL A 239 -9.76 -7.67 17.43
N ASN A 240 -8.90 -7.64 16.39
CA ASN A 240 -7.50 -7.96 16.48
C ASN A 240 -6.78 -6.67 16.84
N THR A 241 -5.46 -6.76 17.02
CA THR A 241 -4.66 -5.64 17.47
C THR A 241 -3.56 -5.29 16.47
N MET A 242 -3.38 -3.99 16.26
CA MET A 242 -2.21 -3.43 15.63
C MET A 242 -1.38 -2.74 16.71
N ARG A 243 -0.18 -3.26 16.95
CA ARG A 243 0.75 -2.75 17.94
C ARG A 243 1.90 -2.00 17.23
N LEU A 244 2.01 -0.71 17.54
CA LEU A 244 3.02 0.13 17.00
C LEU A 244 3.90 0.65 18.14
N TRP A 245 5.21 0.60 17.91
CA TRP A 245 6.18 0.94 18.89
C TRP A 245 6.60 2.39 18.70
N SER A 246 6.81 3.05 19.83
CA SER A 246 7.31 4.39 19.91
C SER A 246 8.61 4.38 20.71
N ALA A 247 9.59 5.17 20.28
CA ALA A 247 10.90 5.24 20.92
C ALA A 247 10.85 6.24 22.07
N LYS A 248 11.42 5.84 23.20
CA LYS A 248 11.50 6.66 24.41
C LYS A 248 12.89 6.48 25.03
N ALA A 249 13.48 7.59 25.48
CA ALA A 249 14.79 7.56 26.09
C ALA A 249 14.70 6.84 27.43
N PRO A 250 15.72 6.07 27.85
CA PRO A 250 15.76 5.50 29.21
C PRO A 250 15.97 6.62 30.25
N ASN A 251 15.69 6.35 31.52
CA ASN A 251 15.57 7.47 32.44
C ASN A 251 16.91 7.83 33.12
N ASP A 252 17.86 6.90 33.18
CA ASP A 252 19.22 7.25 33.59
C ASP A 252 19.93 7.87 32.37
N GLY A 262 25.16 21.09 30.80
CA GLY A 262 25.36 19.77 31.40
C GLY A 262 24.04 19.04 31.60
N TYR A 263 23.37 19.34 32.72
CA TYR A 263 22.05 18.76 33.08
C TYR A 263 21.02 19.05 31.98
N ILE A 264 20.87 20.33 31.62
CA ILE A 264 19.88 20.78 30.63
C ILE A 264 20.08 20.02 29.31
N GLN A 265 21.33 19.99 28.84
CA GLN A 265 21.70 19.40 27.55
C GLN A 265 21.45 17.89 27.57
N ALA A 266 21.73 17.24 28.70
CA ALA A 266 21.47 15.78 28.84
C ALA A 266 19.99 15.50 28.62
N VAL A 267 19.14 16.33 29.25
CA VAL A 267 17.69 16.21 29.10
C VAL A 267 17.33 16.40 27.63
N LEU A 268 17.83 17.47 27.01
CA LEU A 268 17.51 17.79 25.60
C LEU A 268 18.02 16.67 24.68
N ASP A 269 19.16 16.05 25.01
CA ASP A 269 19.73 15.02 24.16
C ASP A 269 18.83 13.77 24.10
N ARG A 270 17.86 13.63 25.00
CA ARG A 270 16.93 12.48 24.96
C ARG A 270 16.21 12.42 23.59
N ASN A 271 16.02 13.58 22.95
CA ASN A 271 15.40 13.70 21.63
C ASN A 271 16.06 12.76 20.61
N LEU A 272 17.38 12.59 20.73
CA LEU A 272 18.11 11.80 19.75
C LEU A 272 17.60 10.35 19.74
N ALA A 273 17.36 9.75 20.92
CA ALA A 273 16.87 8.37 20.98
C ALA A 273 15.46 8.30 20.38
N GLU A 274 14.66 9.32 20.64
CA GLU A 274 13.26 9.31 20.28
C GLU A 274 13.11 9.68 18.80
N ASN A 275 14.19 10.16 18.15
CA ASN A 275 14.18 10.41 16.71
C ASN A 275 13.93 9.12 15.92
N ILE A 276 14.20 7.95 16.51
CA ILE A 276 14.08 6.66 15.81
C ILE A 276 12.67 6.49 15.24
N SER A 277 11.64 6.85 16.03
CA SER A 277 10.24 6.66 15.62
C SER A 277 9.62 7.98 15.14
N ARG A 278 10.46 8.97 14.79
CA ARG A 278 9.95 10.31 14.54
C ARG A 278 9.22 10.36 13.18
N VAL A 279 9.78 9.73 12.14
CA VAL A 279 9.33 10.07 10.79
C VAL A 279 9.49 8.88 9.82
N LEU A 280 8.42 8.66 9.04
CA LEU A 280 8.42 7.66 7.99
C LEU A 280 9.39 8.09 6.88
N TYR A 281 10.27 7.18 6.46
CA TYR A 281 11.12 7.39 5.28
C TYR A 281 10.28 7.35 4.02
N PRO A 282 10.24 8.46 3.24
CA PRO A 282 9.37 8.55 2.06
C PRO A 282 9.98 8.17 0.70
N ASN A 283 11.20 7.59 0.69
CA ASN A 283 11.91 7.21 -0.55
C ASN A 283 11.51 5.79 -0.95
N ASP A 284 10.44 5.67 -1.75
CA ASP A 284 9.94 4.38 -2.22
C ASP A 284 10.62 3.94 -3.53
N ASN A 285 11.65 4.67 -3.99
CA ASN A 285 12.32 4.40 -5.30
C ASN A 285 13.72 3.80 -5.10
N PHE A 286 14.54 4.45 -4.28
CA PHE A 286 15.98 4.25 -4.22
C PHE A 286 16.36 3.92 -2.77
N PHE A 287 16.81 2.67 -2.54
CA PHE A 287 17.38 2.30 -1.25
C PHE A 287 18.60 3.19 -0.94
N GLU A 288 18.50 3.94 0.16
CA GLU A 288 19.65 4.64 0.75
C GLU A 288 19.96 3.99 2.10
N GLY A 289 21.21 3.61 2.29
CA GLY A 289 21.65 2.99 3.53
C GLY A 289 21.90 4.02 4.61
N LYS A 290 20.81 4.57 5.14
CA LYS A 290 20.84 5.56 6.18
C LYS A 290 20.79 4.83 7.53
N GLU A 291 21.64 5.27 8.46
CA GLU A 291 21.72 4.65 9.76
C GLU A 291 20.35 4.75 10.47
N LEU A 292 19.70 5.91 10.40
CA LEU A 292 18.47 6.08 11.15
C LEU A 292 17.44 5.05 10.67
N ARG A 293 17.46 4.76 9.36
CA ARG A 293 16.54 3.78 8.78
C ARG A 293 16.84 2.37 9.30
N LEU A 294 18.13 2.04 9.43
CA LEU A 294 18.51 0.75 9.97
C LEU A 294 18.07 0.66 11.44
N LYS A 295 18.16 1.77 12.18
CA LYS A 295 17.70 1.81 13.56
C LYS A 295 16.21 1.53 13.67
N GLN A 296 15.44 2.03 12.70
CA GLN A 296 14.03 1.81 12.68
C GLN A 296 13.75 0.32 12.47
N GLU A 297 14.43 -0.28 11.49
CA GLU A 297 14.27 -1.67 11.15
C GLU A 297 14.59 -2.55 12.36
N TYR A 298 15.71 -2.29 13.05
CA TYR A 298 16.04 -3.15 14.20
C TYR A 298 15.06 -2.93 15.36
N PHE A 299 14.71 -1.65 15.60
CA PHE A 299 13.86 -1.24 16.69
C PHE A 299 12.54 -2.02 16.67
N VAL A 300 11.91 -2.12 15.50
CA VAL A 300 10.57 -2.77 15.41
C VAL A 300 10.74 -4.28 15.58
N VAL A 301 11.84 -4.81 15.04
CA VAL A 301 12.13 -6.22 15.03
C VAL A 301 12.43 -6.68 16.46
N ALA A 302 13.33 -5.96 17.15
CA ALA A 302 13.76 -6.33 18.53
C ALA A 302 12.58 -6.29 19.51
N ALA A 303 11.79 -5.21 19.47
CA ALA A 303 10.69 -5.03 20.43
C ALA A 303 9.61 -6.10 20.19
N THR A 304 9.34 -6.37 18.90
CA THR A 304 8.31 -7.31 18.49
C THR A 304 8.66 -8.75 18.89
N LEU A 305 9.91 -9.18 18.67
CA LEU A 305 10.31 -10.57 18.95
C LEU A 305 10.27 -10.85 20.46
N GLN A 306 10.63 -9.84 21.25
CA GLN A 306 10.51 -9.97 22.70
C GLN A 306 9.04 -10.17 23.09
N ASP A 307 8.15 -9.43 22.45
CA ASP A 307 6.74 -9.49 22.73
C ASP A 307 6.20 -10.86 22.33
N ILE A 308 6.63 -11.31 21.16
CA ILE A 308 6.18 -12.59 20.62
C ILE A 308 6.54 -13.69 21.61
N ILE A 309 7.82 -13.70 22.01
CA ILE A 309 8.37 -14.73 22.86
C ILE A 309 7.71 -14.69 24.24
N ARG A 310 7.47 -13.49 24.77
CA ARG A 310 6.81 -13.35 26.08
C ARG A 310 5.44 -14.05 26.04
N ARG A 311 4.66 -13.75 25.01
CA ARG A 311 3.33 -14.28 24.77
C ARG A 311 3.41 -15.80 24.63
N PHE A 312 4.37 -16.28 23.83
CA PHE A 312 4.60 -17.71 23.61
C PHE A 312 4.84 -18.46 24.93
N LYS A 313 5.53 -17.82 25.88
CA LYS A 313 5.90 -18.47 27.13
C LYS A 313 4.73 -18.51 28.12
N SER A 314 3.71 -17.68 27.89
CA SER A 314 2.54 -17.64 28.75
C SER A 314 1.49 -18.63 28.21
N SER A 315 1.73 -19.93 28.42
CA SER A 315 0.87 -21.03 27.94
C SER A 315 1.52 -22.38 28.23
N ASN A 326 10.34 -24.64 26.22
CA ASN A 326 10.98 -25.42 25.14
C ASN A 326 10.41 -25.02 23.77
N PHE A 327 11.32 -24.84 22.81
CA PHE A 327 11.05 -24.06 21.62
C PHE A 327 10.74 -24.96 20.42
N ASP A 328 10.70 -26.27 20.60
CA ASP A 328 10.35 -27.16 19.49
C ASP A 328 8.94 -26.83 18.98
N ALA A 329 8.05 -26.39 19.88
CA ALA A 329 6.66 -26.06 19.56
C ALA A 329 6.51 -24.62 19.03
N PHE A 330 7.59 -23.84 19.05
CA PHE A 330 7.54 -22.44 18.69
C PHE A 330 6.88 -22.25 17.33
N PRO A 331 7.32 -22.97 16.26
CA PRO A 331 6.75 -22.76 14.92
C PRO A 331 5.30 -23.27 14.78
N ASP A 332 4.82 -24.05 15.74
CA ASP A 332 3.41 -24.49 15.75
C ASP A 332 2.52 -23.42 16.38
N LYS A 333 3.13 -22.46 17.10
CA LYS A 333 2.43 -21.43 17.84
C LYS A 333 2.70 -20.03 17.26
N VAL A 334 3.67 -19.93 16.34
CA VAL A 334 4.15 -18.64 15.85
C VAL A 334 4.44 -18.75 14.35
N ALA A 335 3.82 -17.83 13.59
CA ALA A 335 4.24 -17.48 12.24
C ALA A 335 4.59 -15.98 12.23
N ILE A 336 5.75 -15.67 11.63
CA ILE A 336 6.23 -14.32 11.41
C ILE A 336 6.29 -14.11 9.90
N GLN A 337 5.46 -13.18 9.41
CA GLN A 337 5.52 -12.76 8.02
C GLN A 337 6.34 -11.47 7.88
N LEU A 338 7.32 -11.48 6.97
CA LEU A 338 8.18 -10.34 6.71
C LEU A 338 7.69 -9.60 5.47
N ASN A 339 7.25 -8.35 5.69
CA ASN A 339 6.74 -7.48 4.64
C ASN A 339 7.95 -6.83 3.95
N ASP A 340 8.42 -7.51 2.88
CA ASP A 340 9.68 -7.23 2.18
C ASP A 340 10.84 -7.46 3.16
N THR A 341 12.02 -6.90 2.86
CA THR A 341 13.23 -7.16 3.65
C THR A 341 13.30 -6.18 4.83
N HIS A 342 12.35 -5.26 4.93
CA HIS A 342 12.47 -4.15 5.88
C HIS A 342 12.63 -4.70 7.31
N PRO A 343 11.93 -5.77 7.71
CA PRO A 343 12.17 -6.47 8.97
C PRO A 343 12.99 -7.76 8.89
N SER A 344 13.92 -7.84 7.93
CA SER A 344 14.72 -9.05 7.69
C SER A 344 15.58 -9.40 8.92
N LEU A 345 15.89 -8.42 9.76
CA LEU A 345 16.76 -8.67 10.91
C LEU A 345 16.05 -9.53 11.96
N ALA A 346 14.72 -9.69 11.84
CA ALA A 346 13.95 -10.72 12.58
C ALA A 346 14.64 -12.08 12.56
N ILE A 347 15.27 -12.43 11.44
CA ILE A 347 15.90 -13.75 11.27
C ILE A 347 17.17 -13.87 12.12
N PRO A 348 18.20 -13.00 11.97
CA PRO A 348 19.34 -13.00 12.90
C PRO A 348 18.97 -12.67 14.36
N GLU A 349 17.94 -11.85 14.59
CA GLU A 349 17.54 -11.49 15.96
C GLU A 349 16.97 -12.73 16.68
N LEU A 350 16.12 -13.48 15.97
CA LEU A 350 15.53 -14.68 16.54
C LEU A 350 16.65 -15.68 16.87
N MET A 351 17.63 -15.83 15.96
CA MET A 351 18.76 -16.70 16.22
C MET A 351 19.50 -16.24 17.49
N ARG A 352 19.72 -14.92 17.61
CA ARG A 352 20.47 -14.32 18.73
C ARG A 352 19.80 -14.66 20.06
N VAL A 353 18.49 -14.47 20.12
CA VAL A 353 17.75 -14.74 21.32
C VAL A 353 17.81 -16.24 21.62
N LEU A 354 17.59 -17.09 20.61
CA LEU A 354 17.55 -18.55 20.82
C LEU A 354 18.92 -19.08 21.23
N VAL A 355 19.98 -18.60 20.57
CA VAL A 355 21.33 -19.11 20.81
C VAL A 355 21.93 -18.43 22.06
N ASP A 356 22.06 -17.10 22.05
CA ASP A 356 22.78 -16.36 23.11
C ASP A 356 21.97 -16.35 24.42
N LEU A 357 20.65 -16.16 24.38
CA LEU A 357 19.88 -15.92 25.62
C LEU A 357 19.17 -17.20 26.11
N GLU A 358 18.61 -18.01 25.19
CA GLU A 358 17.92 -19.27 25.55
C GLU A 358 18.87 -20.48 25.51
N ARG A 359 20.03 -20.34 24.89
CA ARG A 359 21.13 -21.34 24.96
C ARG A 359 20.77 -22.61 24.17
N LEU A 360 19.97 -22.47 23.12
CA LEU A 360 19.76 -23.55 22.14
C LEU A 360 21.01 -23.65 21.27
N ASP A 361 21.31 -24.86 20.80
CA ASP A 361 22.38 -25.04 19.83
C ASP A 361 21.92 -24.46 18.48
N TRP A 362 22.90 -24.16 17.64
CA TRP A 362 22.71 -23.48 16.38
C TRP A 362 21.64 -24.15 15.52
N ASP A 363 21.78 -25.46 15.30
CA ASP A 363 20.98 -26.21 14.32
C ASP A 363 19.50 -26.16 14.72
N LYS A 364 19.23 -26.40 16.01
CA LYS A 364 17.88 -26.38 16.55
C LYS A 364 17.30 -24.97 16.40
N ALA A 365 18.08 -23.97 16.82
CA ALA A 365 17.72 -22.58 16.70
C ALA A 365 17.34 -22.26 15.26
N TRP A 366 18.14 -22.75 14.31
CA TRP A 366 17.97 -22.45 12.89
C TRP A 366 16.69 -23.10 12.35
N GLU A 367 16.47 -24.35 12.73
CA GLU A 367 15.29 -25.09 12.34
C GLU A 367 14.05 -24.29 12.76
N VAL A 368 14.06 -23.80 14.01
CA VAL A 368 12.92 -23.05 14.56
C VAL A 368 12.71 -21.77 13.73
N THR A 369 13.79 -21.04 13.49
CA THR A 369 13.76 -19.79 12.77
C THR A 369 13.13 -19.97 11.38
N VAL A 370 13.57 -20.98 10.62
CA VAL A 370 13.15 -21.18 9.22
C VAL A 370 11.66 -21.55 9.17
N LYS A 371 11.23 -22.46 10.05
CA LYS A 371 9.84 -22.90 10.13
C LYS A 371 8.94 -21.76 10.62
N THR A 372 9.51 -20.77 11.30
CA THR A 372 8.72 -19.67 11.81
C THR A 372 8.55 -18.56 10.76
N CYS A 373 9.63 -18.26 10.05
CA CYS A 373 9.69 -17.06 9.23
C CYS A 373 9.26 -17.38 7.80
N ALA A 374 8.63 -16.38 7.18
CA ALA A 374 8.26 -16.41 5.77
C ALA A 374 8.41 -14.99 5.20
N TYR A 375 8.86 -14.92 3.94
CA TYR A 375 9.30 -13.67 3.29
C TYR A 375 8.40 -13.40 2.07
N THR A 376 7.83 -12.20 2.02
CA THR A 376 7.14 -11.72 0.84
C THR A 376 8.02 -10.69 0.13
N ASN A 377 8.34 -10.94 -1.14
CA ASN A 377 9.08 -10.01 -1.99
C ASN A 377 8.07 -9.11 -2.70
N HIS A 378 8.36 -7.79 -2.73
CA HIS A 378 7.45 -6.81 -3.33
C HIS A 378 8.10 -5.94 -4.41
N THR A 379 9.27 -6.34 -4.95
CA THR A 379 9.85 -5.63 -6.09
C THR A 379 10.98 -6.45 -6.71
N VAL A 380 11.21 -6.15 -7.99
CA VAL A 380 12.33 -6.68 -8.75
C VAL A 380 13.28 -5.54 -9.17
N LEU A 381 12.87 -4.28 -9.05
CA LEU A 381 13.75 -3.18 -9.46
C LEU A 381 14.97 -3.20 -8.56
N PRO A 382 16.19 -3.33 -9.12
CA PRO A 382 17.41 -3.59 -8.34
C PRO A 382 17.82 -2.48 -7.36
N GLU A 383 17.50 -1.23 -7.70
CA GLU A 383 17.82 -0.07 -6.84
C GLU A 383 16.94 -0.03 -5.58
N ALA A 384 15.88 -0.85 -5.52
CA ALA A 384 14.98 -0.95 -4.35
C ALA A 384 15.43 -2.02 -3.36
N LEU A 385 16.26 -2.98 -3.81
CA LEU A 385 16.73 -4.05 -2.93
C LEU A 385 17.64 -3.45 -1.84
N GLU A 386 17.46 -3.93 -0.60
CA GLU A 386 18.22 -3.48 0.56
C GLU A 386 19.56 -4.22 0.61
N ARG A 387 20.65 -3.46 0.50
CA ARG A 387 22.00 -3.98 0.55
C ARG A 387 22.82 -3.11 1.51
N TRP A 388 22.80 -3.49 2.78
CA TRP A 388 23.40 -2.71 3.85
C TRP A 388 24.91 -2.88 3.87
N PRO A 389 25.67 -1.76 3.89
CA PRO A 389 27.11 -1.83 4.14
C PRO A 389 27.39 -2.60 5.43
N VAL A 390 28.46 -3.38 5.41
CA VAL A 390 28.90 -4.20 6.52
C VAL A 390 29.37 -3.29 7.66
N HIS A 391 30.10 -2.22 7.35
CA HIS A 391 30.65 -1.33 8.35
C HIS A 391 29.55 -0.71 9.22
N LEU A 392 28.39 -0.46 8.62
CA LEU A 392 27.26 0.07 9.33
C LEU A 392 26.75 -0.96 10.34
N LEU A 393 26.53 -2.20 9.87
CA LEU A 393 26.03 -3.32 10.70
C LEU A 393 27.06 -3.63 11.80
N GLU A 394 28.32 -3.62 11.41
CA GLU A 394 29.44 -3.89 12.29
C GLU A 394 29.35 -3.00 13.54
N THR A 395 29.08 -1.71 13.32
CA THR A 395 29.04 -0.67 14.37
C THR A 395 27.79 -0.78 15.22
N LEU A 396 26.63 -0.88 14.56
CA LEU A 396 25.34 -0.73 15.22
C LEU A 396 24.88 -2.05 15.83
N LEU A 397 25.13 -3.16 15.11
CA LEU A 397 24.60 -4.50 15.45
C LEU A 397 25.68 -5.56 15.27
N PRO A 398 26.78 -5.47 16.05
CA PRO A 398 27.95 -6.31 15.84
C PRO A 398 27.65 -7.81 15.93
N ARG A 399 26.78 -8.18 16.87
CA ARG A 399 26.43 -9.56 17.11
C ARG A 399 25.65 -10.13 15.91
N HIS A 400 24.72 -9.34 15.37
CA HIS A 400 23.90 -9.73 14.24
C HIS A 400 24.76 -9.96 13.00
N LEU A 401 25.83 -9.17 12.87
CA LEU A 401 26.71 -9.35 11.73
C LEU A 401 27.41 -10.72 11.87
N GLN A 402 27.81 -11.08 13.10
CA GLN A 402 28.49 -12.36 13.35
C GLN A 402 27.56 -13.49 12.94
N ILE A 403 26.32 -13.38 13.37
CA ILE A 403 25.33 -14.38 13.11
C ILE A 403 25.06 -14.47 11.60
N ILE A 404 25.02 -13.32 10.91
CA ILE A 404 24.76 -13.32 9.46
C ILE A 404 25.90 -14.06 8.74
N TYR A 405 27.15 -13.84 9.17
CA TYR A 405 28.33 -14.49 8.57
C TYR A 405 28.28 -16.02 8.75
N GLU A 406 27.86 -16.45 9.94
CA GLU A 406 27.68 -17.87 10.26
C GLU A 406 26.57 -18.46 9.38
N ILE A 407 25.48 -17.70 9.19
CA ILE A 407 24.36 -18.17 8.36
C ILE A 407 24.88 -18.35 6.93
N ASN A 408 25.65 -17.34 6.49
CA ASN A 408 26.16 -17.30 5.13
C ASN A 408 27.06 -18.51 4.88
N GLN A 409 27.94 -18.82 5.85
CA GLN A 409 28.88 -19.91 5.73
C GLN A 409 28.14 -21.26 5.61
N ARG A 410 27.22 -21.52 6.53
CA ARG A 410 26.46 -22.76 6.50
C ARG A 410 25.64 -22.84 5.21
N PHE A 411 25.05 -21.71 4.80
CA PHE A 411 24.25 -21.71 3.59
C PHE A 411 25.11 -22.07 2.36
N LEU A 412 26.28 -21.45 2.24
CA LEU A 412 27.13 -21.63 1.07
C LEU A 412 27.75 -23.04 1.06
N ASN A 413 27.85 -23.67 2.24
CA ASN A 413 28.27 -25.07 2.34
C ASN A 413 27.21 -25.98 1.70
N ARG A 414 25.92 -25.65 1.86
CA ARG A 414 24.81 -26.44 1.27
C ARG A 414 24.79 -26.29 -0.25
N VAL A 415 25.05 -25.08 -0.74
CA VAL A 415 25.14 -24.77 -2.18
C VAL A 415 26.29 -25.53 -2.83
N ALA A 416 27.47 -25.50 -2.19
CA ALA A 416 28.67 -26.19 -2.64
C ALA A 416 28.39 -27.69 -2.81
N ALA A 417 27.72 -28.29 -1.82
CA ALA A 417 27.40 -29.71 -1.81
C ALA A 417 26.44 -30.05 -2.97
N ALA A 418 25.45 -29.17 -3.20
CA ALA A 418 24.44 -29.40 -4.21
C ALA A 418 25.02 -29.21 -5.62
N PHE A 419 25.84 -28.17 -5.79
CA PHE A 419 26.39 -27.79 -7.10
C PHE A 419 27.92 -27.77 -7.03
N PRO A 420 28.60 -28.93 -6.87
CA PRO A 420 30.05 -28.92 -6.70
C PRO A 420 30.76 -28.25 -7.89
N GLY A 421 31.64 -27.28 -7.57
CA GLY A 421 32.51 -26.64 -8.55
C GLY A 421 31.95 -25.33 -9.08
N ASP A 422 30.66 -25.06 -8.84
CA ASP A 422 29.98 -23.89 -9.37
C ASP A 422 30.32 -22.68 -8.49
N VAL A 423 31.56 -22.20 -8.63
CA VAL A 423 32.10 -21.15 -7.79
C VAL A 423 31.36 -19.84 -8.08
N ASP A 424 30.94 -19.67 -9.34
CA ASP A 424 30.20 -18.50 -9.71
C ASP A 424 28.89 -18.46 -8.90
N ARG A 425 28.21 -19.61 -8.82
CA ARG A 425 26.96 -19.71 -8.10
C ARG A 425 27.18 -19.26 -6.66
N LEU A 426 28.28 -19.71 -6.03
CA LEU A 426 28.61 -19.35 -4.65
C LEU A 426 28.64 -17.82 -4.48
N ARG A 427 29.34 -17.15 -5.41
CA ARG A 427 29.49 -15.71 -5.34
C ARG A 427 28.09 -15.07 -5.46
N ARG A 428 27.27 -15.57 -6.39
CA ARG A 428 25.99 -14.96 -6.73
C ARG A 428 24.98 -15.11 -5.59
N MET A 429 25.09 -16.20 -4.82
CA MET A 429 24.10 -16.54 -3.85
C MET A 429 24.51 -16.03 -2.46
N SER A 430 25.80 -15.68 -2.29
CA SER A 430 26.32 -15.24 -1.00
C SER A 430 25.40 -14.17 -0.39
N LEU A 431 25.24 -14.23 0.93
CA LEU A 431 24.60 -13.14 1.65
C LEU A 431 25.51 -11.90 1.61
N VAL A 432 26.82 -12.11 1.46
CA VAL A 432 27.80 -11.04 1.46
C VAL A 432 28.17 -10.72 0.01
N GLU A 433 27.91 -9.48 -0.43
CA GLU A 433 28.39 -8.99 -1.73
C GLU A 433 29.74 -8.29 -1.56
N GLU A 434 30.73 -8.75 -2.33
CA GLU A 434 32.04 -8.14 -2.43
C GLU A 434 31.97 -6.91 -3.34
N GLY A 435 33.03 -6.08 -3.31
CA GLY A 435 33.14 -4.93 -4.18
C GLY A 435 33.63 -3.70 -3.45
N ALA A 436 33.35 -2.53 -4.04
CA ALA A 436 33.75 -1.22 -3.53
C ALA A 436 33.64 -1.24 -1.99
N VAL A 437 32.40 -1.38 -1.51
CA VAL A 437 32.11 -1.64 -0.12
C VAL A 437 31.39 -2.98 -0.07
N LYS A 438 31.70 -3.76 0.97
CA LYS A 438 31.00 -4.98 1.26
C LYS A 438 29.59 -4.64 1.75
N ARG A 439 28.60 -5.37 1.24
CA ARG A 439 27.20 -5.22 1.60
C ARG A 439 26.62 -6.58 1.98
N ILE A 440 25.60 -6.56 2.84
CA ILE A 440 24.74 -7.70 3.08
C ILE A 440 23.50 -7.55 2.19
N ASN A 441 23.25 -8.56 1.36
CA ASN A 441 22.04 -8.66 0.56
C ASN A 441 20.93 -9.27 1.42
N MET A 442 20.00 -8.42 1.86
CA MET A 442 19.01 -8.81 2.86
C MET A 442 17.97 -9.79 2.28
N ALA A 443 17.74 -9.72 0.96
CA ALA A 443 16.83 -10.62 0.25
C ALA A 443 17.41 -12.04 0.28
N HIS A 444 18.73 -12.14 0.08
CA HIS A 444 19.39 -13.41 0.18
C HIS A 444 19.20 -13.96 1.58
N LEU A 445 19.33 -13.10 2.59
CA LEU A 445 19.20 -13.50 4.00
C LEU A 445 17.79 -14.06 4.24
N CYS A 446 16.80 -13.39 3.66
CA CYS A 446 15.40 -13.76 3.83
C CYS A 446 15.09 -15.12 3.20
N ILE A 447 15.60 -15.38 1.99
CA ILE A 447 15.34 -16.65 1.32
C ILE A 447 15.95 -17.78 2.15
N ALA A 448 17.18 -17.57 2.63
CA ALA A 448 17.91 -18.61 3.38
C ALA A 448 17.20 -18.94 4.70
N GLY A 449 16.64 -17.92 5.36
CA GLY A 449 16.11 -18.05 6.72
C GLY A 449 14.60 -18.25 6.80
N SER A 450 13.93 -18.43 5.65
CA SER A 450 12.47 -18.54 5.57
C SER A 450 12.10 -19.90 4.99
N HIS A 451 10.99 -20.49 5.44
CA HIS A 451 10.44 -21.74 4.83
C HIS A 451 9.60 -21.42 3.59
N ALA A 452 9.27 -20.14 3.36
CA ALA A 452 8.44 -19.76 2.22
C ALA A 452 8.80 -18.35 1.76
N VAL A 453 8.98 -18.21 0.45
CA VAL A 453 9.22 -16.98 -0.26
C VAL A 453 8.12 -16.86 -1.30
N ASN A 454 7.40 -15.73 -1.30
CA ASN A 454 6.34 -15.52 -2.29
C ASN A 454 6.51 -14.16 -2.97
N GLY A 455 6.07 -14.10 -4.24
CA GLY A 455 5.74 -12.86 -4.94
C GLY A 455 4.26 -12.54 -4.79
N VAL A 456 3.84 -11.46 -5.45
CA VAL A 456 2.58 -10.81 -5.11
C VAL A 456 1.66 -10.68 -6.35
N ALA A 457 2.03 -11.40 -7.41
CA ALA A 457 1.21 -11.63 -8.59
C ALA A 457 1.90 -12.72 -9.39
N ARG A 458 1.12 -13.47 -10.19
CA ARG A 458 1.63 -14.66 -10.82
C ARG A 458 2.87 -14.36 -11.69
N ILE A 459 2.80 -13.28 -12.48
CA ILE A 459 3.88 -12.93 -13.40
C ILE A 459 5.14 -12.53 -12.61
N HIS A 460 4.94 -11.86 -11.48
CA HIS A 460 6.03 -11.40 -10.62
C HIS A 460 6.69 -12.63 -9.95
N SER A 461 5.88 -13.55 -9.45
CA SER A 461 6.41 -14.77 -8.82
C SER A 461 7.16 -15.62 -9.86
N GLU A 462 6.73 -15.60 -11.12
CA GLU A 462 7.45 -16.31 -12.20
C GLU A 462 8.80 -15.65 -12.46
N ILE A 463 8.82 -14.32 -12.50
CA ILE A 463 10.03 -13.55 -12.77
C ILE A 463 11.09 -13.78 -11.67
N LEU A 464 10.64 -13.95 -10.42
CA LEU A 464 11.51 -14.23 -9.28
C LEU A 464 12.26 -15.54 -9.53
N LYS A 465 11.54 -16.52 -10.07
CA LYS A 465 12.06 -17.87 -10.28
C LYS A 465 12.89 -17.97 -11.56
N LYS A 466 12.62 -17.11 -12.54
CA LYS A 466 13.30 -17.12 -13.83
C LYS A 466 14.55 -16.24 -13.76
N THR A 467 14.52 -15.16 -12.99
CA THR A 467 15.60 -14.17 -13.03
C THR A 467 16.28 -14.02 -11.66
N ILE A 468 15.78 -13.12 -10.80
CA ILE A 468 16.61 -12.60 -9.72
C ILE A 468 16.86 -13.67 -8.64
N PHE A 469 15.96 -14.64 -8.43
CA PHE A 469 16.20 -15.69 -7.44
C PHE A 469 16.29 -17.07 -8.11
N LYS A 470 16.61 -17.12 -9.40
CA LYS A 470 16.74 -18.40 -10.11
C LYS A 470 17.64 -19.39 -9.36
N ASP A 471 18.81 -18.94 -8.89
CA ASP A 471 19.78 -19.78 -8.19
C ASP A 471 19.14 -20.41 -6.94
N PHE A 472 18.34 -19.64 -6.20
CA PHE A 472 17.74 -20.06 -4.92
C PHE A 472 16.59 -21.03 -5.17
N TYR A 473 15.81 -20.73 -6.22
CA TYR A 473 14.79 -21.61 -6.71
C TYR A 473 15.39 -22.99 -7.07
N GLU A 474 16.50 -23.01 -7.81
CA GLU A 474 17.12 -24.28 -8.18
C GLU A 474 17.52 -25.05 -6.91
N LEU A 475 17.96 -24.36 -5.86
CA LEU A 475 18.38 -25.04 -4.62
C LEU A 475 17.14 -25.54 -3.86
N GLU A 476 16.13 -24.68 -3.68
CA GLU A 476 15.00 -25.01 -2.81
C GLU A 476 13.70 -24.66 -3.53
N PRO A 477 13.32 -25.43 -4.58
CA PRO A 477 12.15 -25.11 -5.39
C PRO A 477 10.86 -25.01 -4.56
N HIS A 478 10.78 -25.86 -3.53
CA HIS A 478 9.65 -25.98 -2.62
C HIS A 478 9.33 -24.67 -1.86
N LYS A 479 10.32 -23.80 -1.62
CA LYS A 479 10.09 -22.52 -0.88
C LYS A 479 9.25 -21.51 -1.66
N PHE A 480 9.30 -21.55 -3.00
CA PHE A 480 8.80 -20.46 -3.79
C PHE A 480 7.30 -20.66 -4.10
N GLN A 481 6.50 -19.63 -3.77
CA GLN A 481 5.06 -19.60 -3.98
C GLN A 481 4.63 -18.28 -4.64
N ASN A 482 3.37 -18.26 -5.10
CA ASN A 482 2.68 -17.04 -5.48
C ASN A 482 1.54 -16.80 -4.48
N LYS A 483 1.36 -15.53 -4.13
CA LYS A 483 0.17 -15.05 -3.43
C LYS A 483 -0.22 -13.72 -4.05
N THR A 484 -1.05 -13.77 -5.08
CA THR A 484 -1.53 -12.60 -5.76
C THR A 484 -2.26 -11.71 -4.74
N ASN A 485 -1.97 -10.40 -4.82
CA ASN A 485 -2.47 -9.38 -3.93
C ASN A 485 -3.99 -9.22 -4.08
N GLY A 486 -4.55 -8.53 -3.11
CA GLY A 486 -5.94 -8.19 -3.06
C GLY A 486 -6.14 -6.86 -2.33
N ILE A 487 -7.40 -6.42 -2.31
CA ILE A 487 -7.86 -5.23 -1.62
C ILE A 487 -9.07 -5.66 -0.78
N THR A 488 -9.32 -4.98 0.33
CA THR A 488 -10.50 -5.24 1.16
C THR A 488 -11.74 -4.62 0.53
N PRO A 489 -12.79 -5.41 0.24
CA PRO A 489 -14.01 -4.84 -0.32
C PRO A 489 -14.79 -4.03 0.71
N ARG A 490 -14.38 -4.06 1.98
CA ARG A 490 -15.03 -3.23 2.97
C ARG A 490 -14.70 -1.76 2.69
N ARG A 491 -13.44 -1.35 2.87
CA ARG A 491 -13.04 0.04 2.58
C ARG A 491 -13.29 0.39 1.11
N TRP A 492 -12.98 -0.53 0.21
CA TRP A 492 -12.83 -0.23 -1.21
C TRP A 492 -14.13 -0.46 -2.01
N LEU A 493 -15.23 -0.80 -1.33
CA LEU A 493 -16.52 -0.85 -2.03
C LEU A 493 -17.60 -0.28 -1.11
N VAL A 494 -17.89 -0.98 -0.01
CA VAL A 494 -18.99 -0.62 0.89
C VAL A 494 -18.78 0.81 1.40
N LEU A 495 -17.57 1.09 1.88
CA LEU A 495 -17.26 2.33 2.51
C LEU A 495 -17.22 3.46 1.47
N CYS A 496 -16.46 3.29 0.39
CA CYS A 496 -16.18 4.43 -0.48
C CYS A 496 -17.25 4.57 -1.56
N ASN A 497 -18.05 3.52 -1.79
CA ASN A 497 -19.00 3.52 -2.90
C ASN A 497 -20.31 2.86 -2.46
N PRO A 498 -21.00 3.44 -1.46
CA PRO A 498 -22.17 2.79 -0.86
C PRO A 498 -23.32 2.55 -1.88
N GLY A 499 -23.46 3.45 -2.83
CA GLY A 499 -24.50 3.37 -3.86
C GLY A 499 -24.30 2.18 -4.79
N LEU A 500 -23.04 1.89 -5.15
CA LEU A 500 -22.74 0.74 -5.99
C LEU A 500 -22.98 -0.53 -5.17
N ALA A 501 -22.53 -0.51 -3.91
CA ALA A 501 -22.72 -1.64 -3.00
C ALA A 501 -24.20 -1.99 -2.89
N GLU A 502 -25.05 -0.95 -2.83
CA GLU A 502 -26.48 -1.10 -2.58
C GLU A 502 -27.17 -1.76 -3.78
N ILE A 503 -26.92 -1.25 -4.99
CA ILE A 503 -27.61 -1.75 -6.19
C ILE A 503 -27.18 -3.20 -6.45
N ILE A 504 -25.96 -3.56 -6.04
CA ILE A 504 -25.53 -4.94 -6.12
C ILE A 504 -26.32 -5.76 -5.10
N ALA A 505 -26.32 -5.31 -3.84
CA ALA A 505 -27.04 -5.98 -2.75
C ALA A 505 -28.53 -6.14 -3.09
N GLU A 506 -29.11 -5.19 -3.85
CA GLU A 506 -30.54 -5.27 -4.26
C GLU A 506 -30.81 -6.54 -5.09
N ARG A 507 -29.82 -6.98 -5.86
CA ARG A 507 -29.97 -8.10 -6.76
C ARG A 507 -29.52 -9.41 -6.11
N ILE A 508 -28.46 -9.37 -5.31
CA ILE A 508 -27.79 -10.62 -4.92
C ILE A 508 -27.55 -10.73 -3.40
N GLY A 509 -28.05 -9.79 -2.60
CA GLY A 509 -27.85 -9.83 -1.15
C GLY A 509 -26.48 -9.36 -0.74
N GLU A 510 -26.21 -9.39 0.57
CA GLU A 510 -25.09 -8.72 1.19
C GLU A 510 -23.91 -9.67 1.42
N GLU A 511 -24.11 -10.98 1.23
CA GLU A 511 -23.09 -11.98 1.59
C GLU A 511 -21.76 -11.75 0.83
N TYR A 512 -21.81 -11.05 -0.31
CA TYR A 512 -20.66 -10.89 -1.17
C TYR A 512 -19.58 -10.05 -0.49
N ILE A 513 -19.97 -9.22 0.49
CA ILE A 513 -19.05 -8.27 1.12
C ILE A 513 -17.92 -9.03 1.80
N SER A 514 -18.19 -10.26 2.25
CA SER A 514 -17.16 -11.13 2.86
C SER A 514 -16.96 -12.41 2.05
N ASP A 515 -17.50 -12.42 0.83
CA ASP A 515 -17.29 -13.48 -0.10
C ASP A 515 -17.41 -12.91 -1.50
N LEU A 516 -16.36 -12.26 -2.00
CA LEU A 516 -16.50 -11.36 -3.14
C LEU A 516 -16.72 -12.12 -4.44
N ASP A 517 -16.38 -13.41 -4.48
CA ASP A 517 -16.60 -14.29 -5.66
C ASP A 517 -18.08 -14.33 -6.03
N GLN A 518 -18.97 -14.12 -5.06
CA GLN A 518 -20.39 -14.04 -5.33
C GLN A 518 -20.71 -12.97 -6.38
N LEU A 519 -19.81 -12.00 -6.61
CA LEU A 519 -20.03 -10.98 -7.62
C LEU A 519 -20.28 -11.60 -9.00
N ARG A 520 -19.75 -12.80 -9.28
CA ARG A 520 -20.01 -13.53 -10.55
C ARG A 520 -21.50 -13.63 -10.85
N LYS A 521 -22.36 -13.67 -9.83
CA LYS A 521 -23.80 -13.75 -10.03
C LYS A 521 -24.31 -12.56 -10.84
N LEU A 522 -23.54 -11.48 -10.91
CA LEU A 522 -23.90 -10.27 -11.66
C LEU A 522 -23.78 -10.51 -13.18
N LEU A 523 -23.06 -11.56 -13.60
CA LEU A 523 -23.00 -11.89 -15.01
C LEU A 523 -24.41 -12.18 -15.53
N SER A 524 -25.30 -12.65 -14.66
CA SER A 524 -26.64 -12.99 -15.09
C SER A 524 -27.49 -11.72 -15.25
N TYR A 525 -26.92 -10.54 -14.99
CA TYR A 525 -27.65 -9.26 -15.14
C TYR A 525 -27.05 -8.36 -16.22
N VAL A 526 -26.20 -8.91 -17.09
CA VAL A 526 -25.44 -8.10 -18.06
C VAL A 526 -26.38 -7.51 -19.13
N ASP A 527 -27.51 -8.19 -19.39
CA ASP A 527 -28.48 -7.73 -20.35
C ASP A 527 -29.73 -7.19 -19.65
N ASP A 528 -29.71 -7.11 -18.31
CA ASP A 528 -30.82 -6.52 -17.55
C ASP A 528 -30.76 -4.99 -17.73
N GLU A 529 -31.84 -4.42 -18.27
CA GLU A 529 -31.85 -3.03 -18.69
C GLU A 529 -31.79 -2.13 -17.45
N ALA A 530 -32.49 -2.54 -16.38
CA ALA A 530 -32.61 -1.77 -15.14
C ALA A 530 -31.30 -1.76 -14.36
N PHE A 531 -30.56 -2.87 -14.41
CA PHE A 531 -29.26 -2.95 -13.73
C PHE A 531 -28.21 -2.10 -14.46
N ILE A 532 -28.24 -2.16 -15.79
CA ILE A 532 -27.43 -1.29 -16.66
C ILE A 532 -27.70 0.19 -16.28
N ARG A 533 -28.98 0.54 -16.11
CA ARG A 533 -29.40 1.89 -15.77
C ARG A 533 -28.83 2.25 -14.39
N ASP A 534 -28.96 1.34 -13.42
CA ASP A 534 -28.52 1.56 -12.04
C ASP A 534 -27.01 1.76 -11.99
N VAL A 535 -26.25 0.90 -12.68
CA VAL A 535 -24.79 0.96 -12.64
C VAL A 535 -24.33 2.32 -13.20
N ALA A 536 -24.95 2.76 -14.31
CA ALA A 536 -24.55 4.00 -14.94
C ALA A 536 -24.96 5.20 -14.09
N LYS A 537 -26.12 5.11 -13.41
CA LYS A 537 -26.60 6.18 -12.56
C LYS A 537 -25.63 6.41 -11.38
N VAL A 538 -25.20 5.33 -10.73
CA VAL A 538 -24.31 5.41 -9.57
C VAL A 538 -23.01 6.10 -9.98
N LYS A 539 -22.46 5.68 -11.12
CA LYS A 539 -21.23 6.24 -11.65
C LYS A 539 -21.38 7.75 -11.88
N GLN A 540 -22.49 8.15 -12.49
CA GLN A 540 -22.69 9.56 -12.81
C GLN A 540 -22.82 10.36 -11.51
N GLU A 541 -23.50 9.78 -10.52
CA GLU A 541 -23.65 10.41 -9.21
C GLU A 541 -22.28 10.59 -8.55
N ASN A 542 -21.44 9.56 -8.63
CA ASN A 542 -20.08 9.63 -8.07
C ASN A 542 -19.26 10.73 -8.74
N LYS A 543 -19.49 10.93 -10.05
CA LYS A 543 -18.76 11.94 -10.84
C LYS A 543 -19.25 13.35 -10.47
N LEU A 544 -20.57 13.54 -10.40
CA LEU A 544 -21.15 14.83 -9.95
C LEU A 544 -20.58 15.20 -8.56
N LYS A 545 -20.54 14.21 -7.67
CA LYS A 545 -20.11 14.39 -6.31
C LYS A 545 -18.64 14.84 -6.30
N PHE A 546 -17.79 14.18 -7.09
CA PHE A 546 -16.36 14.46 -7.11
C PHE A 546 -16.07 15.77 -7.85
N ALA A 547 -16.82 16.05 -8.91
CA ALA A 547 -16.71 17.31 -9.67
C ALA A 547 -16.95 18.50 -8.74
N ALA A 548 -17.95 18.35 -7.86
CA ALA A 548 -18.30 19.37 -6.88
C ALA A 548 -17.15 19.54 -5.89
N TYR A 549 -16.61 18.41 -5.42
CA TYR A 549 -15.51 18.40 -4.46
C TYR A 549 -14.31 19.16 -5.04
N LEU A 550 -14.03 18.98 -6.33
CA LEU A 550 -12.93 19.74 -6.97
C LEU A 550 -13.24 21.23 -6.84
N GLU A 551 -14.35 21.67 -7.42
CA GLU A 551 -14.78 23.10 -7.39
C GLU A 551 -14.69 23.66 -5.97
N ARG A 552 -15.14 22.93 -4.94
CA ARG A 552 -15.16 23.43 -3.55
C ARG A 552 -13.74 23.57 -2.97
N GLU A 553 -13.00 22.46 -2.87
CA GLU A 553 -11.70 22.41 -2.14
C GLU A 553 -10.57 23.05 -2.96
N TYR A 554 -10.68 23.05 -4.30
CA TYR A 554 -9.61 23.49 -5.20
C TYR A 554 -10.17 24.21 -6.44
N LYS A 555 -11.26 24.95 -6.24
CA LYS A 555 -11.86 25.95 -7.17
C LYS A 555 -11.27 25.94 -8.59
N VAL A 556 -11.68 24.95 -9.40
CA VAL A 556 -11.72 25.01 -10.89
C VAL A 556 -12.87 24.10 -11.36
N HIS A 557 -13.44 24.40 -12.54
CA HIS A 557 -14.69 23.77 -13.05
C HIS A 557 -14.35 22.61 -14.00
N ILE A 558 -15.11 21.51 -13.90
CA ILE A 558 -14.93 20.33 -14.78
C ILE A 558 -16.28 19.78 -15.25
N ASN A 559 -16.31 19.43 -16.54
CA ASN A 559 -17.45 18.84 -17.21
C ASN A 559 -17.73 17.44 -16.65
N PRO A 560 -18.82 17.22 -15.89
CA PRO A 560 -19.07 15.91 -15.31
C PRO A 560 -19.49 14.85 -16.35
N ASN A 561 -19.83 15.27 -17.57
CA ASN A 561 -20.24 14.33 -18.65
C ASN A 561 -19.06 13.90 -19.51
N SER A 562 -17.84 14.30 -19.15
CA SER A 562 -16.63 13.85 -19.78
C SER A 562 -16.23 12.48 -19.23
N LEU A 563 -15.39 11.76 -19.99
CA LEU A 563 -14.73 10.54 -19.56
C LEU A 563 -13.69 10.94 -18.51
N PHE A 564 -13.77 10.34 -17.32
CA PHE A 564 -12.82 10.60 -16.23
C PHE A 564 -11.67 9.59 -16.37
N ASP A 565 -10.54 10.09 -16.86
CA ASP A 565 -9.32 9.35 -17.13
C ASP A 565 -8.38 9.63 -15.96
N VAL A 566 -8.20 8.66 -15.06
CA VAL A 566 -7.41 8.91 -13.88
C VAL A 566 -6.25 7.92 -13.78
N GLN A 567 -5.09 8.49 -13.45
CA GLN A 567 -3.90 7.76 -13.04
C GLN A 567 -3.48 8.29 -11.66
N VAL A 568 -3.75 7.52 -10.60
CA VAL A 568 -3.32 7.90 -9.27
C VAL A 568 -2.48 6.77 -8.68
N LYS A 569 -1.30 7.15 -8.22
CA LYS A 569 -0.24 6.28 -7.70
C LYS A 569 0.99 7.15 -7.47
N ARG A 570 1.96 6.65 -6.68
CA ARG A 570 3.21 7.39 -6.50
C ARG A 570 3.83 7.67 -7.87
N ILE A 571 4.56 8.78 -7.96
CA ILE A 571 5.22 9.22 -9.19
C ILE A 571 6.54 8.44 -9.34
N HIS A 572 6.61 7.61 -10.39
CA HIS A 572 7.79 6.80 -10.70
C HIS A 572 7.97 6.75 -12.21
N GLU A 573 9.22 6.67 -12.65
CA GLU A 573 9.49 6.52 -14.08
C GLU A 573 8.84 5.23 -14.58
N TYR A 574 8.91 4.15 -13.78
CA TYR A 574 8.47 2.83 -14.26
C TYR A 574 6.93 2.78 -14.41
N LYS A 575 6.21 3.63 -13.68
CA LYS A 575 4.75 3.69 -13.72
C LYS A 575 4.27 4.56 -14.91
N ARG A 576 5.20 5.31 -15.51
CA ARG A 576 5.09 5.93 -16.85
C ARG A 576 3.91 6.93 -16.92
N GLN A 577 3.81 7.77 -15.88
CA GLN A 577 2.99 8.95 -15.95
C GLN A 577 3.37 9.73 -17.22
N LEU A 578 4.65 9.63 -17.64
CA LEU A 578 5.13 10.36 -18.81
C LEU A 578 4.44 9.85 -20.08
N LEU A 579 4.17 8.54 -20.17
CA LEU A 579 3.46 8.01 -21.32
C LEU A 579 2.08 8.67 -21.40
N ASN A 580 1.43 8.80 -20.23
CA ASN A 580 0.13 9.45 -20.12
C ASN A 580 0.26 10.90 -20.62
N CYS A 581 1.33 11.59 -20.21
CA CYS A 581 1.56 12.99 -20.60
C CYS A 581 1.64 13.12 -22.12
N LEU A 582 2.32 12.16 -22.75
CA LEU A 582 2.47 12.11 -24.19
C LEU A 582 1.10 11.97 -24.84
N HIS A 583 0.27 11.05 -24.32
CA HIS A 583 -1.07 10.87 -24.88
C HIS A 583 -1.88 12.17 -24.77
N VAL A 584 -1.80 12.85 -23.62
CA VAL A 584 -2.57 14.06 -23.37
C VAL A 584 -2.17 15.15 -24.37
N ILE A 585 -0.86 15.29 -24.63
CA ILE A 585 -0.37 16.32 -25.54
C ILE A 585 -0.79 15.97 -26.98
N THR A 586 -0.85 14.67 -27.30
CA THR A 586 -1.32 14.17 -28.60
C THR A 586 -2.77 14.60 -28.85
N LEU A 587 -3.64 14.44 -27.83
CA LEU A 587 -5.06 14.81 -27.94
C LEU A 587 -5.19 16.32 -28.19
N TYR A 588 -4.38 17.09 -27.46
CA TYR A 588 -4.33 18.54 -27.57
C TYR A 588 -3.93 18.93 -29.01
N ASN A 589 -2.82 18.36 -29.51
CA ASN A 589 -2.27 18.68 -30.84
C ASN A 589 -3.29 18.30 -31.93
N ARG A 590 -4.03 17.21 -31.74
CA ARG A 590 -5.05 16.78 -32.68
C ARG A 590 -6.23 17.75 -32.72
N ILE A 591 -6.67 18.21 -31.55
CA ILE A 591 -7.76 19.19 -31.45
C ILE A 591 -7.34 20.46 -32.21
N LYS A 592 -6.15 20.98 -31.90
CA LYS A 592 -5.66 22.23 -32.48
C LYS A 592 -5.60 22.14 -34.00
N LYS A 593 -5.20 20.97 -34.51
CA LYS A 593 -5.00 20.72 -35.92
C LYS A 593 -6.35 20.74 -36.63
N GLU A 594 -7.33 20.06 -36.02
CA GLU A 594 -8.71 19.97 -36.52
C GLU A 594 -9.67 20.41 -35.42
N PRO A 595 -9.76 21.72 -35.18
CA PRO A 595 -10.50 22.24 -34.04
C PRO A 595 -12.00 21.89 -34.10
N ASN A 596 -12.54 21.79 -35.32
CA ASN A 596 -14.00 21.78 -35.51
C ASN A 596 -14.50 20.34 -35.70
N LYS A 597 -13.73 19.36 -35.21
CA LYS A 597 -14.07 17.97 -35.32
C LYS A 597 -14.47 17.44 -33.94
N PHE A 598 -15.37 16.47 -33.90
CA PHE A 598 -15.81 15.87 -32.65
C PHE A 598 -14.70 15.00 -32.04
N VAL A 599 -14.55 15.10 -30.73
CA VAL A 599 -13.76 14.17 -29.92
C VAL A 599 -14.56 13.90 -28.66
N VAL A 600 -14.48 12.65 -28.15
CA VAL A 600 -15.03 12.32 -26.86
C VAL A 600 -14.31 13.19 -25.84
N PRO A 601 -15.02 14.06 -25.09
CA PRO A 601 -14.37 14.95 -24.12
C PRO A 601 -13.81 14.15 -22.95
N ARG A 602 -12.70 14.63 -22.39
CA ARG A 602 -12.02 13.94 -21.30
C ARG A 602 -11.60 14.95 -20.24
N THR A 603 -11.68 14.48 -18.98
CA THR A 603 -10.94 15.04 -17.87
C THR A 603 -9.84 14.03 -17.50
N VAL A 604 -8.60 14.43 -17.77
CA VAL A 604 -7.44 13.67 -17.42
C VAL A 604 -6.96 14.14 -16.03
N MET A 605 -7.02 13.22 -15.07
CA MET A 605 -6.63 13.46 -13.72
C MET A 605 -5.45 12.55 -13.39
N ILE A 606 -4.36 13.17 -12.92
CA ILE A 606 -3.16 12.50 -12.51
C ILE A 606 -2.77 13.04 -11.14
N GLY A 607 -2.45 12.13 -10.23
CA GLY A 607 -2.14 12.48 -8.87
C GLY A 607 -1.16 11.49 -8.30
N GLY A 608 -0.33 11.97 -7.37
CA GLY A 608 0.63 11.15 -6.71
C GLY A 608 1.72 12.00 -6.09
N LYS A 609 2.39 11.43 -5.08
CA LYS A 609 3.55 12.08 -4.46
C LYS A 609 4.83 11.54 -5.07
N ALA A 610 5.81 12.44 -5.26
CA ALA A 610 7.16 12.05 -5.57
C ALA A 610 7.98 11.98 -4.29
N ALA A 611 8.83 10.94 -4.17
CA ALA A 611 9.85 10.90 -3.12
C ALA A 611 10.64 12.20 -3.16
N PRO A 612 10.87 12.88 -2.02
CA PRO A 612 11.46 14.23 -2.01
C PRO A 612 12.82 14.44 -2.70
N GLY A 613 13.69 13.41 -2.73
CA GLY A 613 14.99 13.51 -3.43
C GLY A 613 15.01 12.98 -4.86
N TYR A 614 13.83 12.62 -5.41
CA TYR A 614 13.70 11.95 -6.73
C TYR A 614 13.43 13.03 -7.78
N HIS A 615 14.51 13.55 -8.35
CA HIS A 615 14.48 14.72 -9.21
C HIS A 615 13.51 14.53 -10.39
N MET A 616 13.65 13.41 -11.10
CA MET A 616 12.85 13.18 -12.29
C MET A 616 11.37 13.17 -11.91
N ALA A 617 11.01 12.54 -10.79
CA ALA A 617 9.61 12.46 -10.37
C ALA A 617 9.07 13.87 -10.11
N LYS A 618 9.93 14.75 -9.61
CA LYS A 618 9.56 16.12 -9.32
C LYS A 618 9.37 16.90 -10.63
N MET A 619 10.17 16.56 -11.65
CA MET A 619 10.07 17.21 -12.97
C MET A 619 8.77 16.80 -13.66
N ILE A 620 8.38 15.53 -13.51
CA ILE A 620 7.16 14.98 -14.12
C ILE A 620 5.93 15.72 -13.59
N ILE A 621 5.83 15.88 -12.25
CA ILE A 621 4.75 16.63 -11.62
C ILE A 621 4.65 18.02 -12.26
N LYS A 622 5.80 18.68 -12.35
CA LYS A 622 5.91 20.01 -12.95
C LYS A 622 5.42 20.00 -14.40
N LEU A 623 5.81 18.98 -15.18
CA LEU A 623 5.41 18.87 -16.58
C LEU A 623 3.89 18.74 -16.67
N ILE A 624 3.32 17.92 -15.77
CA ILE A 624 1.88 17.68 -15.73
C ILE A 624 1.17 19.02 -15.53
N THR A 625 1.61 19.79 -14.54
CA THR A 625 0.96 21.06 -14.25
C THR A 625 1.19 22.02 -15.42
N ALA A 626 2.36 21.96 -16.06
CA ALA A 626 2.69 22.84 -17.23
C ALA A 626 1.75 22.56 -18.41
N ILE A 627 1.50 21.28 -18.67
CA ILE A 627 0.55 20.86 -19.71
C ILE A 627 -0.83 21.44 -19.38
N GLY A 628 -1.26 21.26 -18.12
CA GLY A 628 -2.55 21.76 -17.63
C GLY A 628 -2.75 23.26 -17.85
N ASP A 629 -1.73 24.04 -17.48
CA ASP A 629 -1.72 25.48 -17.68
C ASP A 629 -1.97 25.83 -19.15
N VAL A 630 -1.44 25.04 -20.08
CA VAL A 630 -1.62 25.33 -21.51
C VAL A 630 -3.00 24.85 -21.94
N VAL A 631 -3.31 23.58 -21.68
CA VAL A 631 -4.50 22.95 -22.23
C VAL A 631 -5.77 23.61 -21.67
N ASN A 632 -5.82 23.79 -20.35
CA ASN A 632 -7.03 24.24 -19.67
C ASN A 632 -7.32 25.72 -19.96
N HIS A 633 -6.38 26.47 -20.55
CA HIS A 633 -6.64 27.89 -20.84
C HIS A 633 -6.77 28.15 -22.34
N ASP A 634 -6.71 27.11 -23.16
CA ASP A 634 -6.84 27.29 -24.60
C ASP A 634 -8.32 27.43 -24.92
N PRO A 635 -8.75 28.58 -25.52
CA PRO A 635 -10.17 28.80 -25.86
C PRO A 635 -10.73 27.77 -26.86
N VAL A 636 -9.89 27.29 -27.78
CA VAL A 636 -10.28 26.40 -28.84
C VAL A 636 -10.58 24.99 -28.29
N VAL A 637 -9.89 24.60 -27.22
CA VAL A 637 -10.09 23.28 -26.62
C VAL A 637 -11.46 23.25 -25.93
N GLY A 638 -11.78 24.33 -25.23
CA GLY A 638 -13.00 24.43 -24.44
C GLY A 638 -12.98 23.40 -23.32
N ASP A 639 -14.13 22.74 -23.10
CA ASP A 639 -14.18 21.67 -22.13
C ASP A 639 -14.06 20.30 -22.83
N ARG A 640 -13.48 20.24 -24.03
CA ARG A 640 -13.22 18.94 -24.64
C ARG A 640 -12.14 18.21 -23.85
N LEU A 641 -11.15 18.96 -23.36
CA LEU A 641 -10.03 18.35 -22.71
C LEU A 641 -9.61 19.20 -21.51
N ARG A 642 -9.46 18.55 -20.37
CA ARG A 642 -8.99 19.16 -19.14
C ARG A 642 -7.93 18.26 -18.51
N VAL A 643 -6.88 18.88 -17.97
CA VAL A 643 -5.83 18.14 -17.28
C VAL A 643 -5.71 18.68 -15.86
N ILE A 644 -5.91 17.80 -14.88
CA ILE A 644 -5.90 18.17 -13.50
C ILE A 644 -4.87 17.33 -12.76
N PHE A 645 -4.01 17.98 -11.98
CA PHE A 645 -3.16 17.33 -11.05
C PHE A 645 -3.86 17.26 -9.69
N LEU A 646 -4.16 16.05 -9.21
CA LEU A 646 -4.80 15.89 -7.91
C LEU A 646 -3.74 15.98 -6.81
N GLU A 647 -3.84 17.06 -6.04
CA GLU A 647 -2.94 17.40 -4.93
C GLU A 647 -3.12 16.39 -3.80
N ASN A 648 -2.01 16.05 -3.12
CA ASN A 648 -1.98 15.31 -1.85
C ASN A 648 -2.77 13.97 -1.95
N TYR A 649 -2.47 13.18 -2.99
CA TYR A 649 -3.03 11.84 -3.11
C TYR A 649 -2.62 11.02 -1.89
N ARG A 650 -3.64 10.43 -1.26
CA ARG A 650 -3.55 9.70 -0.02
C ARG A 650 -4.77 8.79 -0.01
N VAL A 651 -4.91 7.98 1.04
CA VAL A 651 -5.97 6.96 1.12
C VAL A 651 -7.36 7.63 1.03
N SER A 652 -7.58 8.72 1.76
CA SER A 652 -8.91 9.34 1.79
C SER A 652 -9.26 10.02 0.46
N LEU A 653 -8.26 10.46 -0.31
CA LEU A 653 -8.55 11.01 -1.65
C LEU A 653 -8.86 9.86 -2.61
N ALA A 654 -8.18 8.71 -2.45
CA ALA A 654 -8.46 7.54 -3.26
C ALA A 654 -9.92 7.07 -3.09
N GLU A 655 -10.45 7.13 -1.86
CA GLU A 655 -11.82 6.71 -1.60
C GLU A 655 -12.82 7.63 -2.33
N LYS A 656 -12.42 8.86 -2.68
CA LYS A 656 -13.29 9.82 -3.37
C LYS A 656 -13.17 9.69 -4.89
N VAL A 657 -11.95 9.63 -5.42
CA VAL A 657 -11.72 9.74 -6.86
C VAL A 657 -11.94 8.40 -7.56
N ILE A 658 -11.61 7.28 -6.91
CA ILE A 658 -11.69 5.98 -7.56
C ILE A 658 -13.14 5.65 -7.92
N PRO A 659 -14.14 5.80 -7.02
CA PRO A 659 -15.55 5.63 -7.41
C PRO A 659 -16.02 6.54 -8.56
N ALA A 660 -15.33 7.65 -8.78
CA ALA A 660 -15.69 8.61 -9.78
C ALA A 660 -15.06 8.29 -11.14
N ALA A 661 -14.15 7.32 -11.20
CA ALA A 661 -13.35 7.09 -12.42
C ALA A 661 -14.09 6.25 -13.45
N ASP A 662 -13.84 6.56 -14.73
CA ASP A 662 -14.32 5.75 -15.86
C ASP A 662 -13.20 4.85 -16.40
N LEU A 663 -12.01 5.42 -16.56
CA LEU A 663 -10.85 4.73 -17.12
C LEU A 663 -9.70 4.73 -16.11
N SER A 664 -9.19 3.52 -15.82
CA SER A 664 -8.07 3.29 -14.93
C SER A 664 -6.78 3.10 -15.75
N GLU A 665 -5.77 3.93 -15.45
CA GLU A 665 -4.50 3.96 -16.14
C GLU A 665 -3.48 3.11 -15.37
N GLN A 666 -3.15 1.95 -15.93
CA GLN A 666 -2.23 0.98 -15.32
C GLN A 666 -1.18 0.59 -16.38
N ILE A 667 -0.22 1.49 -16.58
CA ILE A 667 0.55 1.56 -17.84
C ILE A 667 2.05 1.46 -17.57
N SER A 668 2.41 0.74 -16.50
CA SER A 668 3.79 0.43 -16.17
C SER A 668 4.41 -0.38 -17.31
N THR A 669 5.71 -0.21 -17.55
CA THR A 669 6.45 -1.05 -18.46
C THR A 669 6.35 -2.49 -17.95
N ALA A 670 6.07 -3.43 -18.85
CA ALA A 670 5.94 -4.85 -18.54
C ALA A 670 7.18 -5.32 -17.75
N GLY A 671 6.93 -5.95 -16.60
CA GLY A 671 7.94 -6.54 -15.76
C GLY A 671 8.36 -5.66 -14.59
N THR A 672 7.79 -4.46 -14.44
CA THR A 672 8.29 -3.49 -13.45
C THR A 672 7.34 -3.35 -12.26
N GLU A 673 6.03 -3.44 -12.48
CA GLU A 673 5.03 -3.35 -11.40
C GLU A 673 4.76 -4.76 -10.85
N ALA A 674 5.22 -5.04 -9.62
CA ALA A 674 5.18 -6.39 -9.03
C ALA A 674 3.75 -6.94 -9.05
N SER A 675 2.79 -6.08 -8.74
CA SER A 675 1.38 -6.41 -8.76
C SER A 675 0.54 -5.18 -9.11
N GLY A 676 0.69 -4.13 -8.31
CA GLY A 676 -0.23 -3.04 -8.25
C GLY A 676 -1.46 -3.44 -7.47
N THR A 677 -2.14 -2.46 -6.90
CA THR A 677 -3.38 -2.72 -6.17
C THR A 677 -4.46 -1.69 -6.48
N GLY A 678 -4.04 -0.46 -6.81
CA GLY A 678 -4.94 0.54 -7.38
C GLY A 678 -5.75 -0.07 -8.50
N ASN A 679 -5.10 -0.88 -9.33
CA ASN A 679 -5.73 -1.50 -10.49
C ASN A 679 -7.01 -2.22 -10.03
N MET A 680 -6.89 -2.98 -8.94
CA MET A 680 -8.00 -3.76 -8.39
C MET A 680 -9.09 -2.86 -7.82
N LYS A 681 -8.70 -1.73 -7.23
CA LYS A 681 -9.69 -0.84 -6.63
C LYS A 681 -10.65 -0.28 -7.67
N PHE A 682 -10.09 0.10 -8.82
CA PHE A 682 -10.84 0.64 -9.92
C PHE A 682 -11.75 -0.41 -10.58
N MET A 683 -11.24 -1.61 -10.76
CA MET A 683 -12.03 -2.72 -11.34
C MET A 683 -13.31 -2.93 -10.52
N LEU A 684 -13.16 -2.84 -9.19
CA LEU A 684 -14.22 -3.15 -8.26
C LEU A 684 -15.28 -2.03 -8.28
N ASN A 685 -14.87 -0.84 -8.71
CA ASN A 685 -15.62 0.39 -8.55
C ASN A 685 -16.15 0.91 -9.91
N GLY A 686 -16.01 0.13 -10.99
CA GLY A 686 -16.82 0.38 -12.20
C GLY A 686 -16.12 1.27 -13.22
N ALA A 687 -14.79 1.17 -13.27
CA ALA A 687 -13.99 1.81 -14.29
C ALA A 687 -13.40 0.71 -15.18
N LEU A 688 -13.19 1.03 -16.46
CA LEU A 688 -12.50 0.13 -17.35
C LEU A 688 -11.00 0.40 -17.23
N THR A 689 -10.20 -0.62 -17.52
CA THR A 689 -8.76 -0.52 -17.39
C THR A 689 -8.08 -0.43 -18.77
N ILE A 690 -7.23 0.60 -18.95
CA ILE A 690 -6.21 0.57 -19.99
C ILE A 690 -4.87 0.24 -19.32
N GLY A 691 -4.23 -0.83 -19.76
CA GLY A 691 -3.00 -1.20 -19.14
C GLY A 691 -2.18 -2.19 -19.94
N THR A 692 -0.96 -2.39 -19.42
CA THR A 692 -0.01 -3.30 -19.94
C THR A 692 -0.20 -4.66 -19.25
N MET A 693 0.37 -5.68 -19.90
CA MET A 693 0.41 -7.00 -19.31
C MET A 693 1.54 -7.06 -18.28
N ASP A 694 1.28 -6.43 -17.12
CA ASP A 694 2.20 -6.29 -16.03
C ASP A 694 1.45 -6.59 -14.72
N GLY A 695 2.15 -7.17 -13.74
CA GLY A 695 1.59 -7.33 -12.40
C GLY A 695 0.28 -8.09 -12.43
N ALA A 696 -0.66 -7.67 -11.59
CA ALA A 696 -1.95 -8.34 -11.47
C ALA A 696 -2.88 -7.96 -12.63
N ASN A 697 -2.51 -6.96 -13.45
CA ASN A 697 -3.27 -6.64 -14.68
C ASN A 697 -3.50 -7.93 -15.48
N VAL A 698 -2.46 -8.76 -15.57
CA VAL A 698 -2.52 -10.00 -16.33
C VAL A 698 -3.68 -10.89 -15.83
N GLU A 699 -3.79 -11.01 -14.50
CA GLU A 699 -4.79 -11.88 -13.90
C GLU A 699 -6.15 -11.21 -13.97
N MET A 700 -6.17 -9.88 -13.94
CA MET A 700 -7.43 -9.13 -14.02
C MET A 700 -8.08 -9.36 -15.40
N ALA A 701 -7.29 -9.16 -16.46
CA ALA A 701 -7.71 -9.39 -17.87
C ALA A 701 -8.14 -10.84 -18.09
N GLU A 702 -7.42 -11.77 -17.47
CA GLU A 702 -7.74 -13.18 -17.54
C GLU A 702 -9.11 -13.45 -16.91
N GLU A 703 -9.39 -12.83 -15.76
CA GLU A 703 -10.68 -13.03 -15.05
C GLU A 703 -11.85 -12.42 -15.83
N ALA A 704 -11.66 -11.23 -16.40
CA ALA A 704 -12.76 -10.54 -17.06
C ALA A 704 -12.83 -10.89 -18.56
N GLY A 705 -11.77 -11.48 -19.11
CA GLY A 705 -11.63 -11.72 -20.54
C GLY A 705 -10.96 -10.52 -21.19
N GLU A 706 -10.03 -10.82 -22.12
CA GLU A 706 -9.19 -9.81 -22.77
C GLU A 706 -10.05 -8.83 -23.57
N GLU A 707 -11.22 -9.28 -24.05
CA GLU A 707 -12.10 -8.44 -24.85
C GLU A 707 -12.81 -7.39 -23.98
N ASN A 708 -12.67 -7.50 -22.66
CA ASN A 708 -13.28 -6.58 -21.71
C ASN A 708 -12.22 -5.72 -21.01
N PHE A 709 -11.02 -5.68 -21.61
CA PHE A 709 -9.87 -5.04 -21.03
C PHE A 709 -9.06 -4.35 -22.15
N PHE A 710 -8.64 -3.11 -21.93
CA PHE A 710 -7.88 -2.38 -22.94
C PHE A 710 -6.38 -2.65 -22.72
N ILE A 711 -5.94 -3.79 -23.23
CA ILE A 711 -4.57 -4.25 -23.20
C ILE A 711 -3.82 -3.65 -24.39
N PHE A 712 -2.62 -3.16 -24.13
CA PHE A 712 -1.73 -2.70 -25.16
C PHE A 712 -0.27 -2.91 -24.70
N GLY A 713 0.63 -2.87 -25.68
CA GLY A 713 2.04 -2.67 -25.44
C GLY A 713 2.81 -3.97 -25.44
N MET A 714 4.12 -3.81 -25.20
CA MET A 714 5.05 -4.91 -25.10
C MET A 714 4.62 -5.82 -23.95
N ARG A 715 4.74 -7.12 -24.18
CA ARG A 715 4.79 -8.10 -23.13
C ARG A 715 6.20 -8.10 -22.52
N VAL A 716 6.38 -8.84 -21.43
CA VAL A 716 7.68 -8.98 -20.80
C VAL A 716 8.70 -9.50 -21.83
N GLU A 717 8.29 -10.45 -22.67
CA GLU A 717 9.18 -11.10 -23.64
C GLU A 717 9.70 -10.07 -24.66
N ASP A 718 8.82 -9.13 -25.04
CA ASP A 718 9.12 -8.10 -26.00
C ASP A 718 10.18 -7.16 -25.43
N VAL A 719 10.04 -6.82 -24.15
CA VAL A 719 10.97 -5.92 -23.51
C VAL A 719 12.38 -6.54 -23.57
N ASP A 720 12.48 -7.82 -23.23
CA ASP A 720 13.73 -8.57 -23.24
C ASP A 720 14.35 -8.61 -24.63
N ARG A 721 13.52 -8.78 -25.68
CA ARG A 721 14.01 -8.85 -27.08
C ARG A 721 14.62 -7.49 -27.46
N LEU A 722 13.98 -6.41 -26.98
CA LEU A 722 14.41 -5.05 -27.26
C LEU A 722 15.77 -4.78 -26.57
N ASP A 723 15.87 -5.22 -25.31
CA ASP A 723 17.06 -5.05 -24.49
C ASP A 723 18.26 -5.77 -25.10
N GLN A 724 18.02 -6.93 -25.72
CA GLN A 724 19.10 -7.71 -26.28
C GLN A 724 19.71 -6.99 -27.48
N ARG A 725 18.88 -6.37 -28.31
CA ARG A 725 19.41 -5.69 -29.47
C ARG A 725 19.70 -4.22 -29.16
N GLY A 726 19.14 -3.69 -28.07
CA GLY A 726 19.39 -2.31 -27.62
C GLY A 726 18.22 -1.38 -27.93
N TYR A 727 17.82 -0.58 -26.93
CA TYR A 727 16.74 0.37 -27.08
C TYR A 727 17.31 1.67 -27.68
N ASN A 728 16.89 1.97 -28.91
CA ASN A 728 17.17 3.23 -29.57
C ASN A 728 15.86 4.02 -29.71
N ALA A 729 15.71 5.04 -28.86
CA ALA A 729 14.53 5.86 -28.79
C ALA A 729 14.44 6.75 -30.03
N GLN A 730 15.60 7.09 -30.58
CA GLN A 730 15.71 7.94 -31.77
C GLN A 730 14.85 7.36 -32.89
N GLU A 731 14.94 6.03 -33.04
CA GLU A 731 14.20 5.25 -34.03
C GLU A 731 12.70 5.61 -34.02
N TYR A 732 12.13 5.73 -32.81
CA TYR A 732 10.71 6.06 -32.64
C TYR A 732 10.46 7.53 -32.99
N TYR A 733 11.34 8.41 -32.51
CA TYR A 733 11.30 9.84 -32.81
C TYR A 733 11.34 10.04 -34.35
N ASP A 734 12.17 9.25 -35.05
CA ASP A 734 12.34 9.38 -36.50
C ASP A 734 11.09 8.93 -37.25
N ARG A 735 10.37 7.91 -36.74
CA ARG A 735 9.34 7.22 -37.52
C ARG A 735 7.92 7.70 -37.20
N ILE A 736 7.73 8.39 -36.06
CA ILE A 736 6.38 8.79 -35.62
C ILE A 736 6.32 10.32 -35.58
N PRO A 737 5.76 10.96 -36.64
CA PRO A 737 5.69 12.42 -36.73
C PRO A 737 5.01 13.06 -35.51
N GLU A 738 3.91 12.45 -35.05
CA GLU A 738 3.15 12.95 -33.92
C GLU A 738 4.06 13.05 -32.68
N LEU A 739 4.90 12.03 -32.47
CA LEU A 739 5.81 11.97 -31.33
C LEU A 739 6.91 13.03 -31.45
N ARG A 740 7.42 13.22 -32.67
CA ARG A 740 8.49 14.16 -32.93
C ARG A 740 8.00 15.57 -32.61
N GLN A 741 6.76 15.86 -32.99
CA GLN A 741 6.14 17.14 -32.71
C GLN A 741 6.14 17.39 -31.19
N ILE A 742 5.73 16.38 -30.41
CA ILE A 742 5.65 16.53 -28.95
C ILE A 742 7.03 16.88 -28.37
N ILE A 743 8.07 16.20 -28.85
CA ILE A 743 9.42 16.35 -28.32
C ILE A 743 9.95 17.75 -28.67
N GLU A 744 9.61 18.24 -29.86
CA GLU A 744 10.00 19.58 -30.26
C GLU A 744 9.30 20.62 -29.37
N GLN A 745 8.03 20.36 -29.04
CA GLN A 745 7.29 21.31 -28.22
C GLN A 745 7.94 21.44 -26.85
N LEU A 746 8.25 20.29 -26.22
CA LEU A 746 8.89 20.21 -24.92
C LEU A 746 10.22 20.97 -24.92
N SER A 747 11.03 20.73 -25.97
CA SER A 747 12.37 21.30 -26.14
C SER A 747 12.31 22.82 -26.28
N SER A 748 11.42 23.29 -27.15
CA SER A 748 11.45 24.66 -27.60
C SER A 748 10.81 25.60 -26.56
N GLY A 749 10.13 25.04 -25.55
CA GLY A 749 9.50 25.84 -24.51
C GLY A 749 8.03 26.15 -24.79
N PHE A 750 7.37 25.31 -25.60
CA PHE A 750 5.96 25.49 -25.86
C PHE A 750 5.19 25.43 -24.53
N PHE A 751 5.63 24.57 -23.61
CA PHE A 751 4.98 24.34 -22.32
C PHE A 751 5.72 25.04 -21.16
N SER A 752 6.78 25.78 -21.45
CA SER A 752 7.52 26.54 -20.43
C SER A 752 8.04 27.84 -21.05
N PRO A 753 7.15 28.79 -21.42
CA PRO A 753 7.55 30.01 -22.15
C PRO A 753 8.66 30.85 -21.49
N LYS A 754 8.53 31.12 -20.19
CA LYS A 754 9.46 32.00 -19.49
C LYS A 754 10.76 31.25 -19.20
N GLN A 755 10.72 29.91 -19.23
CA GLN A 755 11.87 29.05 -18.97
C GLN A 755 11.99 28.05 -20.12
N PRO A 756 12.38 28.48 -21.34
CA PRO A 756 12.43 27.58 -22.50
C PRO A 756 13.04 26.18 -22.31
N ASP A 757 14.07 26.03 -21.48
CA ASP A 757 14.80 24.76 -21.38
C ASP A 757 14.47 24.02 -20.07
N LEU A 758 13.32 24.32 -19.46
CA LEU A 758 12.96 23.77 -18.17
C LEU A 758 12.93 22.23 -18.21
N PHE A 759 12.43 21.69 -19.32
CA PHE A 759 12.17 20.27 -19.43
C PHE A 759 13.28 19.57 -20.23
N LYS A 760 14.49 20.15 -20.27
CA LYS A 760 15.58 19.53 -21.03
C LYS A 760 15.97 18.20 -20.37
N ASP A 761 15.83 18.08 -19.04
CA ASP A 761 16.20 16.82 -18.37
C ASP A 761 15.29 15.68 -18.85
N ILE A 762 14.00 16.00 -19.07
CA ILE A 762 12.99 15.00 -19.43
C ILE A 762 13.23 14.53 -20.87
N VAL A 763 13.39 15.48 -21.79
CA VAL A 763 13.67 15.16 -23.20
C VAL A 763 14.93 14.29 -23.29
N ASN A 764 15.98 14.69 -22.58
CA ASN A 764 17.29 14.05 -22.69
C ASN A 764 17.18 12.59 -22.22
N MET A 765 16.42 12.37 -21.16
CA MET A 765 16.22 11.05 -20.59
C MET A 765 15.42 10.19 -21.59
N LEU A 766 14.33 10.75 -22.13
CA LEU A 766 13.46 10.06 -23.09
C LEU A 766 14.23 9.67 -24.34
N MET A 767 15.17 10.52 -24.77
CA MET A 767 15.93 10.33 -26.02
C MET A 767 17.15 9.42 -25.80
N HIS A 768 17.77 9.43 -24.61
CA HIS A 768 19.09 8.76 -24.45
C HIS A 768 19.17 7.78 -23.27
N HIS A 769 18.32 7.90 -22.24
CA HIS A 769 18.57 7.13 -21.00
C HIS A 769 17.26 6.62 -20.39
N ASP A 770 16.31 6.17 -21.23
CA ASP A 770 14.98 5.75 -20.78
C ASP A 770 15.02 4.24 -20.52
N ARG A 771 15.07 3.87 -19.23
CA ARG A 771 15.04 2.49 -18.80
C ARG A 771 13.67 1.89 -19.07
N PHE A 772 12.61 2.70 -19.19
CA PHE A 772 11.25 2.14 -19.19
C PHE A 772 10.56 2.28 -20.56
N LYS A 773 11.34 2.69 -21.58
CA LYS A 773 10.95 2.47 -22.98
C LYS A 773 9.58 3.09 -23.27
N VAL A 774 9.45 4.37 -22.90
CA VAL A 774 8.22 5.13 -23.04
C VAL A 774 7.83 5.18 -24.53
N PHE A 775 8.80 5.47 -25.41
CA PHE A 775 8.51 5.62 -26.84
C PHE A 775 8.05 4.29 -27.44
N ALA A 776 8.50 3.16 -26.88
CA ALA A 776 8.28 1.83 -27.49
C ALA A 776 6.79 1.47 -27.44
N ASP A 777 6.09 2.00 -26.43
CA ASP A 777 4.69 1.69 -26.20
C ASP A 777 3.77 2.83 -26.65
N TYR A 778 4.33 3.89 -27.26
CA TYR A 778 3.58 5.10 -27.52
C TYR A 778 2.47 4.83 -28.56
N GLU A 779 2.83 4.24 -29.70
CA GLU A 779 1.90 4.03 -30.80
C GLU A 779 0.71 3.18 -30.36
N GLU A 780 1.00 2.03 -29.75
CA GLU A 780 -0.03 1.08 -29.31
C GLU A 780 -0.94 1.74 -28.25
N TYR A 781 -0.37 2.56 -27.36
CA TYR A 781 -1.12 3.26 -26.32
C TYR A 781 -2.15 4.21 -26.94
N VAL A 782 -1.70 5.00 -27.93
CA VAL A 782 -2.58 5.98 -28.53
C VAL A 782 -3.71 5.30 -29.33
N LYS A 783 -3.39 4.24 -30.07
CA LYS A 783 -4.39 3.49 -30.81
C LYS A 783 -5.42 2.91 -29.83
N CYS A 784 -4.93 2.28 -28.76
CA CYS A 784 -5.76 1.69 -27.74
C CYS A 784 -6.64 2.75 -27.05
N GLN A 785 -6.07 3.93 -26.77
CA GLN A 785 -6.81 5.09 -26.21
C GLN A 785 -7.95 5.55 -27.14
N GLU A 786 -7.77 5.38 -28.46
CA GLU A 786 -8.82 5.67 -29.44
C GLU A 786 -9.98 4.67 -29.25
N ARG A 787 -9.67 3.39 -29.04
CA ARG A 787 -10.70 2.34 -28.87
C ARG A 787 -11.55 2.59 -27.61
N VAL A 788 -10.93 3.20 -26.59
CA VAL A 788 -11.59 3.58 -25.34
C VAL A 788 -12.64 4.65 -25.64
N SER A 789 -12.19 5.72 -26.32
CA SER A 789 -13.03 6.84 -26.73
C SER A 789 -14.22 6.33 -27.54
N ALA A 790 -13.95 5.39 -28.45
CA ALA A 790 -14.95 4.80 -29.33
C ALA A 790 -16.03 4.12 -28.50
N LEU A 791 -15.62 3.33 -27.50
CA LEU A 791 -16.58 2.59 -26.70
C LEU A 791 -17.35 3.52 -25.78
N TYR A 792 -16.70 4.59 -25.31
CA TYR A 792 -17.33 5.52 -24.37
C TYR A 792 -18.49 6.22 -25.07
N LYS A 793 -18.37 6.39 -26.38
CA LYS A 793 -19.42 6.95 -27.28
C LYS A 793 -20.71 6.13 -27.22
N ASN A 794 -20.63 4.87 -26.74
CA ASN A 794 -21.76 3.94 -26.67
C ASN A 794 -22.04 3.62 -25.20
N PRO A 795 -22.76 4.50 -24.47
CA PRO A 795 -23.05 4.31 -23.04
C PRO A 795 -23.43 2.89 -22.60
N ARG A 796 -24.33 2.25 -23.34
CA ARG A 796 -24.90 0.99 -22.94
C ARG A 796 -23.82 -0.11 -22.99
N GLU A 797 -23.01 -0.11 -24.06
CA GLU A 797 -21.98 -1.14 -24.24
C GLU A 797 -20.78 -0.89 -23.31
N TRP A 798 -20.48 0.39 -23.05
CA TRP A 798 -19.52 0.75 -22.02
C TRP A 798 -19.95 0.13 -20.67
N THR A 799 -21.22 0.34 -20.31
CA THR A 799 -21.73 -0.07 -19.00
C THR A 799 -21.80 -1.59 -18.90
N ARG A 800 -22.14 -2.27 -20.01
CA ARG A 800 -22.15 -3.73 -20.06
C ARG A 800 -20.73 -4.27 -19.83
N MET A 801 -19.72 -3.60 -20.38
CA MET A 801 -18.33 -4.00 -20.19
C MET A 801 -17.92 -3.81 -18.73
N VAL A 802 -18.40 -2.71 -18.12
CA VAL A 802 -18.17 -2.41 -16.72
C VAL A 802 -18.71 -3.54 -15.85
N ILE A 803 -19.94 -3.96 -16.12
CA ILE A 803 -20.57 -5.05 -15.38
C ILE A 803 -19.70 -6.31 -15.46
N ARG A 804 -19.17 -6.61 -16.64
CA ARG A 804 -18.31 -7.78 -16.85
C ARG A 804 -17.02 -7.66 -16.00
N ASN A 805 -16.58 -6.43 -15.69
CA ASN A 805 -15.38 -6.22 -14.87
C ASN A 805 -15.74 -6.42 -13.38
N ILE A 806 -16.73 -5.68 -12.91
CA ILE A 806 -17.16 -5.73 -11.53
C ILE A 806 -17.45 -7.19 -11.15
N ALA A 807 -18.13 -7.89 -12.06
CA ALA A 807 -18.65 -9.23 -11.82
C ALA A 807 -17.52 -10.26 -11.69
N THR A 808 -16.33 -9.95 -12.19
CA THR A 808 -15.18 -10.88 -12.16
C THR A 808 -14.04 -10.34 -11.28
N SER A 809 -14.32 -9.40 -10.38
CA SER A 809 -13.29 -8.77 -9.58
C SER A 809 -13.08 -9.54 -8.26
N GLY A 810 -13.90 -10.58 -8.03
CA GLY A 810 -13.94 -11.37 -6.79
C GLY A 810 -12.57 -11.89 -6.35
N LYS A 811 -11.77 -12.35 -7.30
CA LYS A 811 -10.44 -12.93 -7.02
C LYS A 811 -9.52 -11.95 -6.27
N PHE A 812 -9.79 -10.65 -6.40
CA PHE A 812 -8.88 -9.60 -5.94
C PHE A 812 -9.30 -9.08 -4.58
N SER A 813 -10.21 -9.80 -3.91
CA SER A 813 -10.45 -9.60 -2.49
C SER A 813 -9.22 -10.09 -1.72
N SER A 814 -8.74 -9.25 -0.78
CA SER A 814 -7.66 -9.63 0.16
C SER A 814 -8.10 -10.82 1.05
N ASP A 815 -9.41 -11.11 1.12
CA ASP A 815 -9.87 -12.29 1.87
C ASP A 815 -9.35 -13.55 1.19
N ARG A 816 -9.40 -13.57 -0.14
CA ARG A 816 -8.88 -14.71 -0.90
C ARG A 816 -7.36 -14.80 -0.67
N THR A 817 -6.65 -13.68 -0.77
CA THR A 817 -5.23 -13.64 -0.60
C THR A 817 -4.84 -14.21 0.78
N ILE A 818 -5.48 -13.70 1.84
CA ILE A 818 -5.11 -14.07 3.19
C ILE A 818 -5.47 -15.55 3.43
N ALA A 819 -6.61 -16.02 2.89
CA ALA A 819 -6.96 -17.44 3.00
C ALA A 819 -5.85 -18.30 2.41
N GLN A 820 -5.21 -17.83 1.33
CA GLN A 820 -4.13 -18.59 0.68
C GLN A 820 -2.87 -18.58 1.54
N TYR A 821 -2.47 -17.40 2.06
CA TYR A 821 -1.38 -17.29 3.04
C TYR A 821 -1.60 -18.26 4.22
N ALA A 822 -2.82 -18.24 4.78
CA ALA A 822 -3.17 -19.03 5.97
C ALA A 822 -2.94 -20.52 5.72
N ARG A 823 -3.49 -21.03 4.60
CA ARG A 823 -3.48 -22.46 4.30
C ARG A 823 -2.09 -22.91 3.79
N GLU A 824 -1.41 -22.09 2.98
CA GLU A 824 -0.23 -22.53 2.22
C GLU A 824 1.09 -22.08 2.87
N ILE A 825 1.07 -21.10 3.79
CA ILE A 825 2.29 -20.63 4.43
C ILE A 825 2.19 -20.74 5.96
N TRP A 826 1.09 -20.29 6.57
CA TRP A 826 1.02 -20.14 8.03
C TRP A 826 0.56 -21.43 8.70
N GLY A 827 -0.22 -22.25 7.99
CA GLY A 827 -0.68 -23.54 8.48
C GLY A 827 -1.80 -23.39 9.49
N VAL A 828 -2.72 -22.47 9.24
CA VAL A 828 -3.93 -22.25 10.04
C VAL A 828 -5.12 -22.18 9.08
N GLU A 829 -6.31 -22.48 9.60
CA GLU A 829 -7.55 -22.46 8.83
C GLU A 829 -8.30 -21.17 9.14
N PRO A 830 -8.71 -20.38 8.13
CA PRO A 830 -9.59 -19.24 8.36
C PRO A 830 -10.97 -19.67 8.85
N SER A 831 -11.76 -18.71 9.35
CA SER A 831 -13.11 -18.94 9.85
C SER A 831 -13.97 -17.68 9.64
N ARG A 832 -15.22 -17.86 9.19
CA ARG A 832 -16.18 -16.75 9.07
C ARG A 832 -17.23 -16.83 10.20
N GLN A 833 -17.02 -17.75 11.16
CA GLN A 833 -17.90 -17.91 12.31
C GLN A 833 -17.78 -16.68 13.23
N ARG A 834 -18.91 -16.22 13.76
CA ARG A 834 -19.00 -15.10 14.72
C ARG A 834 -18.44 -15.51 16.09
N LEU A 835 -17.76 -14.57 16.75
CA LEU A 835 -17.62 -14.59 18.19
C LEU A 835 -18.90 -14.01 18.81
N PRO A 836 -19.26 -14.41 20.05
CA PRO A 836 -20.41 -13.83 20.76
C PRO A 836 -20.28 -12.32 21.06
N ALA A 837 -21.40 -11.59 21.03
CA ALA A 837 -21.44 -10.10 20.95
C ALA A 837 -21.51 -9.47 22.34
C2' HTE B . 5.05 -2.73 -5.56
C3' HTE B . 3.61 -2.90 -6.03
C4' HTE B . 2.85 -3.90 -5.17
C5' HTE B . 2.99 -3.52 -3.69
O5' HTE B . 4.38 -3.48 -3.33
C1' HTE B . 5.16 -2.52 -4.03
N1 HTE B . 6.57 -2.64 -3.63
C2 HTE B . 6.93 -1.56 -3.01
N3 HTE B . 5.94 -0.65 -2.96
C4 HTE B . 4.83 -1.14 -3.59
O4 HTE B . 3.79 -0.53 -3.72
C5 HTE B . 8.28 -1.36 -2.47
C6 HTE B . 9.08 -2.45 -2.13
C7 HTE B . 10.35 -2.25 -1.61
C8 HTE B . 10.82 -0.97 -1.43
C9 HTE B . 10.05 0.11 -1.75
C10 HTE B . 8.77 -0.07 -2.28
O2' HTE B . 5.69 -1.61 -6.20
C6' HTE B . 2.31 -4.49 -2.75
O4' HTE B . 1.47 -3.90 -5.56
O3' HTE B . 3.59 -3.37 -7.39
O6' HTE B . 2.67 -5.84 -3.01
N1 PLP C . -1.46 4.96 -2.70
C2 PLP C . -2.69 4.97 -2.13
C2A PLP C . -3.11 6.13 -1.28
C3 PLP C . -3.60 3.85 -2.32
O3 PLP C . -4.84 3.86 -1.75
C4 PLP C . -3.10 2.75 -3.18
C4A PLP C . -3.90 1.51 -3.48
C5 PLP C . -1.74 2.86 -3.74
C6 PLP C . -0.99 3.98 -3.46
C5A PLP C . -1.15 1.79 -4.63
O4P PLP C . -1.60 2.04 -5.96
P PLP C . -0.87 1.44 -7.26
O1P PLP C . -1.70 2.00 -8.40
O2P PLP C . 0.52 2.01 -7.20
O3P PLP C . -0.93 -0.07 -7.14
#